data_1H16
#
_entry.id   1H16
#
_cell.length_a   54.900
_cell.length_b   153.050
_cell.length_c   205.950
_cell.angle_alpha   90.00
_cell.angle_beta   90.00
_cell.angle_gamma   90.00
#
_symmetry.space_group_name_H-M   'C 2 2 21'
#
loop_
_entity.id
_entity.type
_entity.pdbx_description
1 polymer 'FORMATE ACETYLTRANSFERASE 1'
2 non-polymer 'COENZYME A'
3 non-polymer 'PYRUVIC ACID'
4 non-polymer 'SODIUM ION'
5 non-polymer 'MAGNESIUM ION'
6 non-polymer L-TREITOL
7 non-polymer 'TETRAETHYLENE GLYCOL'
8 water water
#
_entity_poly.entity_id   1
_entity_poly.type   'polypeptide(L)'
_entity_poly.pdbx_seq_one_letter_code
;SELNEKLATAWEGFTKGDWQNEVNVRDFIQKNYTPYEGDESFLAGATEATTTLWDKVMEGVKLENRTHAPVDFDTAVAST
ITSHDAGYINKQLEKIVGLQTEAPLKRALIPFGGIKMIEGSCKAYNRELDPMIKKIFTEYRKTHNQGVFDVYTPDILRCR
KSGVLTGLPDAYGRGRIIGDYRRVALYGIDYLMKDKLAQFTSLQADLENGVNLEQTIRLREEIAEQHRALGQMKEMAAKY
GYDISGPATNAQEAIQWTYFGYLAAVKSQNGAAMSFGRTSTFLDVYIERDLKAGKITEQEAQEMVDHLVMKLRMVRFLRT
PEYDELFSGDPIWATESIGGMGLDGRTLVTKNSFRFLNTLYTMGPSPEPNMTILWSEKLPLNFKKFAAKVSIDTSSLQYE
NDDLMRPDFNNDDYAIACCVSPMIVGKQMQFFGARANLAKTMLYAINGGVDEKLKMQVGPKSEPIKGDVLNYDEVMERMD
HFMDWLAKQYITALNIIHYMHDKYSYEASLMALHDRDVIRTMACGIAGLSVAADSLSAIKYAKVKPIRDEDGLAIDFEIE
GEYPQFGNNDPRVDDLAVDLVERFMKKIQKLHTYRDAIPTQSVLTITSNVVYGKKTGNTPDGRRAGAPFGPGANPMHGRD
QKGAVASLTSVAKLPFAYAKDGISYTFSIVPNALGKDDEVRKTNLAGLMDGYFHHEASIEGGQHLNVNVMNREMLLDAME
NPEKYPQLTIRVSGYAVRFNSLTKEQQQDVITRTFTQSM
;
_entity_poly.pdbx_strand_id   A
#
# COMPACT_ATOMS: atom_id res chain seq x y z
N SER A 1 35.76 9.78 -4.80
CA SER A 1 36.25 11.18 -4.61
C SER A 1 36.93 11.71 -5.86
N GLU A 2 36.15 11.82 -6.93
CA GLU A 2 36.64 12.33 -8.22
C GLU A 2 35.61 11.96 -9.26
N LEU A 3 34.67 12.86 -9.51
CA LEU A 3 33.64 12.59 -10.50
C LEU A 3 34.20 12.52 -11.92
N ASN A 4 33.99 11.36 -12.54
CA ASN A 4 34.43 11.09 -13.91
C ASN A 4 33.64 12.00 -14.84
N GLU A 5 33.88 11.91 -16.14
CA GLU A 5 33.15 12.79 -17.05
C GLU A 5 31.67 12.52 -17.07
N LYS A 6 31.28 11.26 -16.87
CA LYS A 6 29.87 10.94 -16.88
C LYS A 6 29.11 11.79 -15.88
N LEU A 7 29.63 11.93 -14.67
CA LEU A 7 28.96 12.72 -13.65
C LEU A 7 28.99 14.21 -14.02
N ALA A 8 30.13 14.69 -14.47
CA ALA A 8 30.26 16.10 -14.86
C ALA A 8 29.18 16.56 -15.82
N THR A 9 29.07 15.86 -16.93
CA THR A 9 28.09 16.20 -17.96
C THR A 9 26.67 16.17 -17.42
N ALA A 10 26.32 15.09 -16.73
CA ALA A 10 24.98 14.95 -16.20
C ALA A 10 24.58 15.99 -15.15
N TRP A 11 25.54 16.40 -14.34
CA TRP A 11 25.24 17.33 -13.25
C TRP A 11 25.50 18.80 -13.53
N GLU A 12 25.76 19.13 -14.79
CA GLU A 12 26.04 20.52 -15.15
C GLU A 12 24.96 21.49 -14.70
N GLY A 13 25.35 22.52 -13.95
CA GLY A 13 24.39 23.51 -13.50
C GLY A 13 23.74 23.23 -12.16
N PHE A 14 23.85 22.00 -11.67
CA PHE A 14 23.23 21.70 -10.37
C PHE A 14 24.03 22.29 -9.21
N THR A 15 23.32 22.68 -8.16
CA THR A 15 23.92 23.24 -6.97
C THR A 15 24.62 22.10 -6.25
N LYS A 16 25.89 22.33 -5.92
CA LYS A 16 26.76 21.35 -5.29
C LYS A 16 26.48 21.10 -3.82
N GLY A 17 26.93 19.94 -3.35
CA GLY A 17 26.74 19.59 -1.96
C GLY A 17 27.14 18.15 -1.72
N ASP A 18 26.84 17.67 -0.51
CA ASP A 18 27.16 16.30 -0.09
C ASP A 18 26.69 15.27 -1.11
N TRP A 19 25.56 15.54 -1.75
CA TRP A 19 25.00 14.58 -2.72
C TRP A 19 25.96 14.21 -3.82
N GLN A 20 26.97 15.02 -4.08
CA GLN A 20 27.90 14.68 -5.15
C GLN A 20 29.02 13.76 -4.68
N ASN A 21 29.14 13.60 -3.36
CA ASN A 21 30.25 12.82 -2.80
C ASN A 21 29.83 11.55 -2.09
N GLU A 22 28.53 11.39 -1.90
CA GLU A 22 27.98 10.21 -1.23
C GLU A 22 26.55 10.09 -1.75
N VAL A 23 25.96 8.91 -1.63
CA VAL A 23 24.59 8.75 -2.08
C VAL A 23 23.71 9.51 -1.08
N ASN A 24 23.06 10.58 -1.54
CA ASN A 24 22.21 11.39 -0.69
C ASN A 24 21.20 12.12 -1.57
N VAL A 25 20.13 11.40 -1.91
CA VAL A 25 19.13 11.99 -2.79
C VAL A 25 18.39 13.18 -2.17
N ARG A 26 18.12 13.11 -0.87
CA ARG A 26 17.41 14.22 -0.24
C ARG A 26 18.22 15.51 -0.36
N ASP A 27 19.53 15.42 -0.16
CA ASP A 27 20.36 16.62 -0.24
C ASP A 27 20.32 17.19 -1.67
N PHE A 28 20.36 16.32 -2.66
CA PHE A 28 20.28 16.77 -4.05
C PHE A 28 18.97 17.52 -4.26
N ILE A 29 17.85 16.93 -3.82
CA ILE A 29 16.55 17.58 -4.01
C ILE A 29 16.52 18.94 -3.33
N GLN A 30 16.89 18.97 -2.06
CA GLN A 30 16.86 20.22 -1.31
C GLN A 30 17.64 21.34 -1.96
N LYS A 31 18.80 21.01 -2.51
CA LYS A 31 19.64 22.03 -3.13
C LYS A 31 19.26 22.40 -4.55
N ASN A 32 18.40 21.61 -5.18
CA ASN A 32 18.07 21.86 -6.59
C ASN A 32 16.65 22.03 -7.06
N TYR A 33 15.66 21.62 -6.28
CA TYR A 33 14.30 21.74 -6.77
C TYR A 33 13.78 23.17 -6.71
N THR A 34 12.77 23.44 -7.52
CA THR A 34 12.15 24.76 -7.61
C THR A 34 10.72 24.72 -7.07
N PRO A 35 10.49 25.29 -5.87
CA PRO A 35 9.12 25.29 -5.33
C PRO A 35 8.20 26.00 -6.30
N TYR A 36 6.99 25.49 -6.44
CA TYR A 36 6.00 26.09 -7.36
C TYR A 36 4.74 26.43 -6.60
N GLU A 37 4.40 27.72 -6.57
CA GLU A 37 3.22 28.20 -5.87
C GLU A 37 2.13 28.65 -6.83
N GLY A 38 2.37 28.46 -8.14
CA GLY A 38 1.39 28.87 -9.13
C GLY A 38 0.24 27.89 -9.31
N ASP A 39 -0.58 28.12 -10.33
CA ASP A 39 -1.72 27.23 -10.56
C ASP A 39 -1.54 26.28 -11.74
N GLU A 40 -2.61 25.60 -12.12
CA GLU A 40 -2.56 24.60 -13.18
C GLU A 40 -2.65 25.13 -14.60
N SER A 41 -2.68 26.46 -14.75
CA SER A 41 -2.84 27.04 -16.09
C SER A 41 -1.76 26.77 -17.12
N PHE A 42 -0.59 26.33 -16.66
CA PHE A 42 0.52 26.05 -17.57
C PHE A 42 0.45 24.65 -18.18
N LEU A 43 -0.43 23.81 -17.65
CA LEU A 43 -0.50 22.42 -18.12
C LEU A 43 -0.88 22.19 -19.57
N ALA A 44 -0.20 21.22 -20.17
CA ALA A 44 -0.43 20.83 -21.57
C ALA A 44 -1.32 19.60 -21.58
N GLY A 45 -1.93 19.33 -22.73
CA GLY A 45 -2.78 18.16 -22.87
C GLY A 45 -1.99 17.01 -23.49
N ALA A 46 -2.68 15.88 -23.71
CA ALA A 46 -2.05 14.69 -24.27
C ALA A 46 -1.60 14.87 -25.71
N THR A 47 -0.53 14.18 -26.08
CA THR A 47 -0.09 14.17 -27.48
C THR A 47 -0.85 13.05 -28.18
N GLU A 48 -0.83 13.05 -29.51
CA GLU A 48 -1.51 11.98 -30.24
C GLU A 48 -0.90 10.63 -29.90
N ALA A 49 0.41 10.59 -29.68
CA ALA A 49 1.10 9.34 -29.36
C ALA A 49 0.60 8.77 -28.05
N THR A 50 0.47 9.62 -27.04
CA THR A 50 -0.03 9.18 -25.75
C THR A 50 -1.42 8.56 -25.87
N THR A 51 -2.31 9.24 -26.59
CA THR A 51 -3.68 8.74 -26.74
C THR A 51 -3.72 7.43 -27.53
N THR A 52 -2.93 7.33 -28.60
CA THR A 52 -2.87 6.11 -29.39
C THR A 52 -2.41 4.94 -28.52
N LEU A 53 -1.38 5.17 -27.73
CA LEU A 53 -0.83 4.14 -26.86
C LEU A 53 -1.82 3.72 -25.77
N TRP A 54 -2.34 4.68 -25.02
CA TRP A 54 -3.25 4.35 -23.92
C TRP A 54 -4.55 3.71 -24.40
N ASP A 55 -5.11 4.21 -25.50
CA ASP A 55 -6.34 3.62 -26.03
C ASP A 55 -6.13 2.14 -26.37
N LYS A 56 -4.95 1.80 -26.88
CA LYS A 56 -4.66 0.42 -27.22
C LYS A 56 -4.58 -0.42 -25.95
N VAL A 57 -3.82 0.07 -24.97
CA VAL A 57 -3.67 -0.67 -23.72
C VAL A 57 -5.01 -0.86 -23.01
N MET A 58 -5.89 0.14 -23.10
CA MET A 58 -7.20 0.02 -22.44
C MET A 58 -8.02 -1.16 -22.96
N GLU A 59 -7.75 -1.63 -24.17
CA GLU A 59 -8.49 -2.79 -24.67
C GLU A 59 -8.11 -4.03 -23.87
N GLY A 60 -6.85 -4.08 -23.43
CA GLY A 60 -6.38 -5.18 -22.61
C GLY A 60 -7.01 -5.07 -21.23
N VAL A 61 -7.09 -3.84 -20.72
CA VAL A 61 -7.69 -3.60 -19.41
C VAL A 61 -9.16 -4.02 -19.44
N LYS A 62 -9.88 -3.68 -20.50
CA LYS A 62 -11.28 -4.07 -20.58
C LYS A 62 -11.41 -5.60 -20.58
N LEU A 63 -10.51 -6.28 -21.30
CA LEU A 63 -10.52 -7.75 -21.35
C LEU A 63 -10.29 -8.29 -19.94
N GLU A 64 -9.31 -7.73 -19.22
CA GLU A 64 -9.07 -8.18 -17.85
C GLU A 64 -10.31 -8.04 -16.98
N ASN A 65 -10.96 -6.88 -17.05
CA ASN A 65 -12.14 -6.62 -16.24
C ASN A 65 -13.31 -7.52 -16.62
N ARG A 66 -13.55 -7.72 -17.91
CA ARG A 66 -14.71 -8.54 -18.25
C ARG A 66 -14.51 -10.01 -17.94
N THR A 67 -13.28 -10.51 -18.08
CA THR A 67 -12.99 -11.92 -17.80
C THR A 67 -12.56 -12.17 -16.35
N HIS A 68 -12.19 -11.08 -15.66
CA HIS A 68 -11.69 -11.15 -14.29
C HIS A 68 -10.51 -12.11 -14.26
N ALA A 69 -9.64 -11.99 -15.26
CA ALA A 69 -8.49 -12.86 -15.38
C ALA A 69 -7.40 -12.16 -16.19
N PRO A 70 -6.17 -12.69 -16.17
CA PRO A 70 -5.08 -12.08 -16.94
C PRO A 70 -5.31 -12.14 -18.44
N VAL A 71 -4.73 -11.19 -19.16
CA VAL A 71 -4.80 -11.20 -20.61
C VAL A 71 -3.98 -12.41 -21.10
N ASP A 72 -2.88 -12.69 -20.40
CA ASP A 72 -1.96 -13.79 -20.74
C ASP A 72 -0.94 -13.85 -19.60
N PHE A 73 -0.22 -14.96 -19.53
CA PHE A 73 0.86 -15.12 -18.55
C PHE A 73 1.78 -16.25 -18.96
N ASP A 74 3.01 -16.18 -18.47
CA ASP A 74 4.02 -17.20 -18.74
C ASP A 74 3.66 -18.50 -18.06
N THR A 75 4.03 -19.60 -18.71
CA THR A 75 3.81 -20.92 -18.13
C THR A 75 5.13 -21.70 -18.09
N ALA A 76 6.19 -21.16 -18.68
CA ALA A 76 7.46 -21.87 -18.77
C ALA A 76 8.74 -21.06 -18.55
N VAL A 77 8.61 -19.84 -18.06
CA VAL A 77 9.78 -18.99 -17.84
C VAL A 77 9.76 -18.45 -16.41
N ALA A 78 10.86 -18.64 -15.69
CA ALA A 78 10.97 -18.12 -14.33
C ALA A 78 11.51 -16.69 -14.50
N SER A 79 10.75 -15.70 -14.03
CA SER A 79 11.16 -14.31 -14.22
C SER A 79 12.28 -13.85 -13.31
N THR A 80 13.19 -13.09 -13.93
CA THR A 80 14.33 -12.50 -13.24
C THR A 80 14.51 -11.12 -13.89
N ILE A 81 15.49 -10.36 -13.43
CA ILE A 81 15.71 -9.04 -14.01
C ILE A 81 16.05 -9.15 -15.49
N THR A 82 16.77 -10.19 -15.89
CA THR A 82 17.17 -10.36 -17.30
C THR A 82 16.49 -11.43 -18.12
N SER A 83 15.51 -12.13 -17.55
CA SER A 83 14.90 -13.22 -18.30
C SER A 83 14.18 -12.86 -19.59
N HIS A 84 13.45 -11.76 -19.57
CA HIS A 84 12.66 -11.39 -20.73
C HIS A 84 13.29 -10.43 -21.71
N ASP A 85 12.94 -10.64 -22.98
CA ASP A 85 13.40 -9.75 -24.03
C ASP A 85 12.59 -8.46 -23.87
N ALA A 86 13.05 -7.42 -24.55
CA ALA A 86 12.35 -6.14 -24.54
C ALA A 86 10.96 -6.28 -25.12
N GLY A 87 10.00 -5.62 -24.47
CA GLY A 87 8.61 -5.64 -24.91
C GLY A 87 8.12 -4.21 -25.11
N TYR A 88 7.21 -4.02 -26.05
CA TYR A 88 6.65 -2.70 -26.36
C TYR A 88 5.15 -2.69 -26.61
N ILE A 89 4.57 -1.51 -26.51
CA ILE A 89 3.16 -1.30 -26.86
C ILE A 89 3.25 -0.90 -28.35
N ASN A 90 4.11 0.07 -28.64
CA ASN A 90 4.39 0.56 -30.01
C ASN A 90 5.71 1.33 -29.90
N LYS A 91 6.79 0.64 -30.24
CA LYS A 91 8.12 1.20 -30.10
C LYS A 91 8.34 2.54 -30.79
N GLN A 92 7.59 2.79 -31.86
CA GLN A 92 7.74 4.04 -32.59
C GLN A 92 7.19 5.25 -31.81
N LEU A 93 6.30 4.99 -30.86
CA LEU A 93 5.64 6.07 -30.12
C LEU A 93 6.05 6.31 -28.67
N GLU A 94 6.60 5.29 -28.03
CA GLU A 94 6.96 5.41 -26.61
C GLU A 94 8.17 6.25 -26.29
N LYS A 95 8.01 7.20 -25.36
CA LYS A 95 9.11 8.07 -24.91
C LYS A 95 9.81 7.50 -23.68
N ILE A 96 9.10 6.64 -22.94
CA ILE A 96 9.64 5.97 -21.76
C ILE A 96 9.26 4.52 -22.02
N VAL A 97 10.25 3.63 -22.00
CA VAL A 97 10.03 2.24 -22.32
C VAL A 97 10.31 1.27 -21.19
N GLY A 98 9.83 0.06 -21.37
CA GLY A 98 10.03 -1.01 -20.41
C GLY A 98 8.78 -1.71 -19.94
N LEU A 99 8.72 -3.03 -20.15
CA LEU A 99 7.59 -3.84 -19.68
C LEU A 99 8.15 -5.02 -18.90
N GLN A 100 7.33 -5.58 -18.01
CA GLN A 100 7.77 -6.71 -17.21
C GLN A 100 8.13 -7.91 -18.06
N THR A 101 7.29 -8.24 -19.03
CA THR A 101 7.58 -9.36 -19.91
C THR A 101 7.75 -8.83 -21.32
N GLU A 102 7.59 -9.69 -22.33
CA GLU A 102 7.77 -9.24 -23.71
C GLU A 102 6.50 -8.66 -24.35
N ALA A 103 5.41 -8.66 -23.61
CA ALA A 103 4.13 -8.15 -24.12
C ALA A 103 3.33 -7.40 -23.07
N PRO A 104 2.61 -6.34 -23.49
CA PRO A 104 1.81 -5.57 -22.55
C PRO A 104 0.81 -6.42 -21.77
N LEU A 105 0.81 -6.23 -20.46
CA LEU A 105 -0.08 -6.91 -19.53
C LEU A 105 0.10 -8.42 -19.41
N LYS A 106 1.08 -8.99 -20.10
CA LYS A 106 1.32 -10.43 -19.95
C LYS A 106 2.04 -10.58 -18.61
N ARG A 107 1.51 -11.44 -17.75
CA ARG A 107 2.05 -11.60 -16.40
C ARG A 107 3.11 -12.67 -16.31
N ALA A 108 4.07 -12.47 -15.40
CA ALA A 108 5.18 -13.38 -15.24
C ALA A 108 4.98 -14.43 -14.18
N LEU A 109 5.89 -15.40 -14.18
CA LEU A 109 5.94 -16.42 -13.12
C LEU A 109 7.12 -15.97 -12.25
N ILE A 110 6.88 -15.76 -10.97
CA ILE A 110 7.94 -15.33 -10.05
C ILE A 110 7.89 -16.44 -9.01
N PRO A 111 8.53 -17.58 -9.32
CA PRO A 111 8.54 -18.77 -8.47
C PRO A 111 9.25 -18.81 -7.15
N PHE A 112 10.20 -17.90 -6.92
CA PHE A 112 10.92 -17.94 -5.65
C PHE A 112 9.98 -17.83 -4.46
N GLY A 113 8.85 -17.16 -4.65
CA GLY A 113 7.91 -17.00 -3.56
C GLY A 113 7.06 -18.23 -3.27
N GLY A 114 6.92 -19.13 -4.25
CA GLY A 114 6.11 -20.31 -4.03
C GLY A 114 5.64 -20.91 -5.34
N ILE A 115 5.62 -22.23 -5.40
CA ILE A 115 5.20 -22.91 -6.61
C ILE A 115 3.73 -23.32 -6.57
N LYS A 116 3.22 -23.63 -5.38
CA LYS A 116 1.82 -24.01 -5.27
C LYS A 116 0.88 -22.90 -5.73
N MET A 117 1.26 -21.64 -5.48
CA MET A 117 0.41 -20.54 -5.91
C MET A 117 0.36 -20.46 -7.43
N ILE A 118 1.50 -20.71 -8.08
CA ILE A 118 1.56 -20.70 -9.52
C ILE A 118 0.68 -21.84 -10.04
N GLU A 119 0.77 -23.00 -9.43
CA GLU A 119 -0.06 -24.14 -9.88
C GLU A 119 -1.54 -23.74 -9.74
N GLY A 120 -1.87 -23.05 -8.65
CA GLY A 120 -3.25 -22.63 -8.41
C GLY A 120 -3.73 -21.66 -9.47
N SER A 121 -2.86 -20.74 -9.89
CA SER A 121 -3.24 -19.77 -10.91
C SER A 121 -3.42 -20.45 -12.27
N CYS A 122 -2.53 -21.37 -12.59
CA CYS A 122 -2.65 -22.08 -13.86
C CYS A 122 -3.97 -22.82 -13.92
N LYS A 123 -4.34 -23.48 -12.83
CA LYS A 123 -5.60 -24.21 -12.81
C LYS A 123 -6.79 -23.26 -12.93
N ALA A 124 -6.75 -22.17 -12.17
CA ALA A 124 -7.84 -21.21 -12.18
C ALA A 124 -8.07 -20.52 -13.53
N TYR A 125 -7.00 -20.25 -14.26
CA TYR A 125 -7.13 -19.55 -15.54
C TYR A 125 -6.93 -20.41 -16.76
N ASN A 126 -7.00 -21.73 -16.53
CA ASN A 126 -6.90 -22.72 -17.59
C ASN A 126 -5.67 -22.69 -18.48
N ARG A 127 -4.50 -22.75 -17.85
CA ARG A 127 -3.25 -22.78 -18.59
C ARG A 127 -2.48 -23.94 -17.97
N GLU A 128 -1.57 -24.52 -18.74
CA GLU A 128 -0.80 -25.64 -18.26
C GLU A 128 0.62 -25.22 -17.87
N LEU A 129 0.98 -25.48 -16.62
CA LEU A 129 2.32 -25.16 -16.12
C LEU A 129 3.36 -26.09 -16.72
N ASP A 130 4.51 -25.56 -17.15
CA ASP A 130 5.57 -26.42 -17.67
C ASP A 130 6.08 -27.29 -16.52
N PRO A 131 6.15 -28.61 -16.71
CA PRO A 131 6.63 -29.53 -15.67
C PRO A 131 8.01 -29.19 -15.10
N MET A 132 8.88 -28.64 -15.94
CA MET A 132 10.22 -28.27 -15.53
C MET A 132 10.20 -27.18 -14.46
N ILE A 133 9.33 -26.19 -14.62
CA ILE A 133 9.23 -25.11 -13.62
C ILE A 133 8.79 -25.71 -12.28
N LYS A 134 7.80 -26.60 -12.32
CA LYS A 134 7.33 -27.23 -11.09
C LYS A 134 8.45 -28.03 -10.43
N LYS A 135 9.19 -28.78 -11.24
CA LYS A 135 10.28 -29.58 -10.70
C LYS A 135 11.38 -28.73 -10.07
N ILE A 136 11.83 -27.71 -10.79
CA ILE A 136 12.88 -26.86 -10.25
C ILE A 136 12.51 -26.27 -8.90
N PHE A 137 11.28 -25.76 -8.81
CA PHE A 137 10.87 -25.08 -7.60
C PHE A 137 10.21 -25.91 -6.52
N THR A 138 10.38 -27.22 -6.64
N THR A 138 10.43 -27.23 -6.63
CA THR A 138 9.89 -28.16 -5.63
CA THR A 138 9.94 -28.22 -5.65
C THR A 138 11.12 -28.88 -5.08
C THR A 138 11.04 -29.25 -5.33
N GLU A 139 11.99 -29.33 -5.97
N GLU A 139 12.09 -29.28 -6.16
CA GLU A 139 13.16 -30.09 -5.56
CA GLU A 139 13.17 -30.23 -5.97
C GLU A 139 14.50 -29.38 -5.51
C GLU A 139 14.56 -29.60 -5.83
N TYR A 140 14.73 -28.41 -6.39
CA TYR A 140 16.04 -27.74 -6.39
C TYR A 140 16.10 -26.41 -5.65
N ARG A 141 15.18 -25.51 -5.96
CA ARG A 141 15.14 -24.21 -5.30
C ARG A 141 13.89 -24.18 -4.42
N LYS A 142 14.09 -24.19 -3.11
CA LYS A 142 12.98 -24.15 -2.19
C LYS A 142 12.40 -22.76 -2.25
N THR A 143 11.10 -22.66 -1.98
CA THR A 143 10.41 -21.37 -2.04
C THR A 143 10.05 -20.83 -0.67
N HIS A 144 9.77 -19.53 -0.64
CA HIS A 144 9.36 -18.85 0.57
C HIS A 144 8.14 -19.57 1.16
N ASN A 145 7.13 -19.81 0.32
CA ASN A 145 5.91 -20.47 0.80
C ASN A 145 6.22 -21.81 1.48
N GLN A 146 7.07 -22.64 0.87
CA GLN A 146 7.33 -23.93 1.50
C GLN A 146 8.14 -23.80 2.79
N GLY A 147 9.07 -22.83 2.85
CA GLY A 147 9.84 -22.64 4.06
C GLY A 147 8.92 -22.27 5.21
N VAL A 148 7.94 -21.40 4.93
CA VAL A 148 6.99 -20.98 5.96
C VAL A 148 6.13 -22.16 6.44
N PHE A 149 5.56 -22.89 5.49
CA PHE A 149 4.70 -24.00 5.89
C PHE A 149 5.44 -25.13 6.56
N ASP A 150 6.75 -25.22 6.33
CA ASP A 150 7.54 -26.27 6.99
C ASP A 150 7.74 -25.93 8.47
N VAL A 151 7.65 -24.65 8.80
CA VAL A 151 7.93 -24.19 10.16
C VAL A 151 6.73 -23.70 10.99
N TYR A 152 5.59 -23.51 10.34
CA TYR A 152 4.37 -23.07 11.02
C TYR A 152 3.98 -24.06 12.11
N THR A 153 3.14 -23.58 13.03
CA THR A 153 2.64 -24.43 14.10
C THR A 153 1.19 -24.81 13.81
N PRO A 154 0.70 -25.88 14.46
CA PRO A 154 -0.69 -26.29 14.24
C PRO A 154 -1.63 -25.15 14.66
N ASP A 155 -1.24 -24.40 15.69
CA ASP A 155 -2.04 -23.29 16.19
C ASP A 155 -2.18 -22.19 15.14
N ILE A 156 -1.08 -21.85 14.49
CA ILE A 156 -1.14 -20.81 13.44
C ILE A 156 -2.00 -21.30 12.29
N LEU A 157 -1.88 -22.58 11.95
CA LEU A 157 -2.70 -23.13 10.87
C LEU A 157 -4.19 -23.07 11.24
N ARG A 158 -4.51 -23.35 12.51
CA ARG A 158 -5.92 -23.28 12.91
C ARG A 158 -6.45 -21.86 12.82
N CYS A 159 -5.61 -20.87 13.17
CA CYS A 159 -6.02 -19.47 13.10
C CYS A 159 -6.23 -19.05 11.65
N ARG A 160 -5.41 -19.59 10.76
CA ARG A 160 -5.50 -19.28 9.34
C ARG A 160 -6.81 -19.84 8.79
N LYS A 161 -7.10 -21.09 9.16
CA LYS A 161 -8.31 -21.76 8.69
C LYS A 161 -9.59 -21.13 9.22
N SER A 162 -9.55 -20.70 10.48
CA SER A 162 -10.75 -20.16 11.11
C SER A 162 -11.08 -18.72 10.83
N GLY A 163 -10.15 -17.99 10.23
CA GLY A 163 -10.46 -16.61 9.95
C GLY A 163 -10.12 -15.65 11.06
N VAL A 164 -9.25 -16.04 11.98
CA VAL A 164 -8.85 -15.07 13.00
C VAL A 164 -7.51 -14.42 12.60
N LEU A 165 -6.69 -15.14 11.84
CA LEU A 165 -5.41 -14.61 11.36
C LEU A 165 -5.22 -15.28 10.01
N THR A 166 -5.67 -14.58 8.97
CA THR A 166 -5.67 -15.14 7.61
C THR A 166 -5.20 -14.11 6.62
N GLY A 167 -4.61 -14.57 5.52
CA GLY A 167 -4.15 -13.67 4.48
C GLY A 167 -2.78 -13.07 4.70
N LEU A 168 -2.00 -13.65 5.62
CA LEU A 168 -0.65 -13.13 5.89
C LEU A 168 0.23 -13.48 4.69
N PRO A 169 1.41 -12.83 4.57
CA PRO A 169 2.30 -13.08 3.43
C PRO A 169 3.06 -14.39 3.40
N ASP A 170 2.32 -15.48 3.48
CA ASP A 170 2.92 -16.80 3.41
C ASP A 170 2.73 -17.41 2.04
N ALA A 171 2.06 -16.68 1.14
CA ALA A 171 1.74 -17.18 -0.20
C ALA A 171 1.77 -16.11 -1.30
N TYR A 172 2.48 -15.02 -1.03
CA TYR A 172 2.64 -13.95 -2.01
C TYR A 172 3.79 -13.08 -1.49
N GLY A 173 4.36 -12.26 -2.37
CA GLY A 173 5.50 -11.43 -1.95
C GLY A 173 5.11 -10.45 -0.88
N ARG A 174 5.98 -10.28 0.12
CA ARG A 174 5.63 -9.38 1.22
C ARG A 174 5.52 -7.92 0.83
N GLY A 175 6.31 -7.48 -0.16
CA GLY A 175 6.24 -6.07 -0.54
C GLY A 175 6.65 -5.14 0.59
N ARG A 176 6.02 -3.96 0.62
CA ARG A 176 6.29 -2.92 1.62
C ARG A 176 7.75 -2.48 1.60
N ILE A 177 8.37 -2.57 0.44
CA ILE A 177 9.75 -2.14 0.25
C ILE A 177 9.77 -1.17 -0.92
N ILE A 178 10.40 -0.03 -0.71
CA ILE A 178 10.53 0.96 -1.77
C ILE A 178 12.03 1.23 -1.97
N GLY A 179 12.62 0.66 -3.01
CA GLY A 179 14.00 1.01 -3.27
C GLY A 179 13.95 2.47 -3.72
N ASP A 180 15.05 3.20 -3.54
CA ASP A 180 15.09 4.58 -4.00
C ASP A 180 15.47 4.55 -5.48
N TYR A 181 14.45 4.44 -6.32
CA TYR A 181 14.70 4.34 -7.76
C TYR A 181 15.33 5.61 -8.34
N ARG A 182 15.16 6.72 -7.63
CA ARG A 182 15.74 8.00 -8.05
C ARG A 182 17.27 7.90 -8.08
N ARG A 183 17.84 7.01 -7.25
CA ARG A 183 19.28 6.85 -7.21
C ARG A 183 19.85 6.44 -8.56
N VAL A 184 19.09 5.65 -9.34
CA VAL A 184 19.61 5.22 -10.63
C VAL A 184 19.80 6.43 -11.52
N ALA A 185 18.81 7.30 -11.55
CA ALA A 185 18.92 8.53 -12.34
C ALA A 185 20.03 9.47 -11.84
N LEU A 186 20.08 9.69 -10.54
CA LEU A 186 21.04 10.65 -10.01
C LEU A 186 22.48 10.22 -10.14
N TYR A 187 22.75 8.94 -9.91
CA TYR A 187 24.11 8.45 -9.90
C TYR A 187 24.58 7.51 -10.98
N GLY A 188 23.65 6.81 -11.60
CA GLY A 188 24.02 5.80 -12.58
C GLY A 188 24.37 4.50 -11.85
N ILE A 189 24.30 3.39 -12.56
CA ILE A 189 24.58 2.11 -11.93
C ILE A 189 26.01 1.92 -11.46
N ASP A 190 26.99 2.36 -12.23
CA ASP A 190 28.37 2.11 -11.80
C ASP A 190 28.72 2.75 -10.47
N TYR A 191 28.27 3.98 -10.25
CA TYR A 191 28.54 4.67 -9.01
C TYR A 191 27.89 3.91 -7.85
N LEU A 192 26.66 3.42 -8.06
CA LEU A 192 25.96 2.70 -7.00
C LEU A 192 26.63 1.37 -6.69
N MET A 193 27.20 0.73 -7.70
CA MET A 193 27.89 -0.55 -7.49
C MET A 193 29.18 -0.30 -6.67
N LYS A 194 29.89 0.78 -6.98
CA LYS A 194 31.12 1.09 -6.23
C LYS A 194 30.77 1.38 -4.77
N ASP A 195 29.66 2.08 -4.55
CA ASP A 195 29.21 2.40 -3.20
C ASP A 195 28.84 1.10 -2.46
N LYS A 196 28.17 0.17 -3.14
CA LYS A 196 27.83 -1.11 -2.49
C LYS A 196 29.09 -1.93 -2.15
N LEU A 197 30.11 -1.91 -3.02
CA LEU A 197 31.33 -2.65 -2.69
C LEU A 197 31.95 -2.02 -1.43
N ALA A 198 31.88 -0.70 -1.31
CA ALA A 198 32.43 -0.05 -0.12
C ALA A 198 31.62 -0.46 1.13
N GLN A 199 30.31 -0.56 0.99
CA GLN A 199 29.49 -0.99 2.13
C GLN A 199 29.86 -2.42 2.53
N PHE A 200 30.03 -3.28 1.53
CA PHE A 200 30.42 -4.67 1.79
C PHE A 200 31.74 -4.71 2.56
N THR A 201 32.72 -3.95 2.07
CA THR A 201 34.05 -3.92 2.67
C THR A 201 34.04 -3.37 4.10
N SER A 202 33.12 -2.44 4.38
CA SER A 202 33.04 -1.85 5.71
C SER A 202 32.65 -2.86 6.79
N LEU A 203 32.14 -4.01 6.37
CA LEU A 203 31.75 -5.05 7.32
C LEU A 203 32.86 -6.08 7.58
N GLN A 204 34.00 -5.93 6.91
CA GLN A 204 35.08 -6.92 7.07
C GLN A 204 35.64 -7.01 8.48
N ALA A 205 35.87 -5.86 9.12
CA ALA A 205 36.44 -5.91 10.46
C ALA A 205 35.53 -6.66 11.44
N ASP A 206 34.22 -6.35 11.44
CA ASP A 206 33.31 -7.05 12.35
C ASP A 206 33.33 -8.55 12.05
N LEU A 207 33.37 -8.90 10.77
CA LEU A 207 33.40 -10.31 10.40
C LEU A 207 34.63 -11.00 10.99
N GLU A 208 35.80 -10.40 10.80
CA GLU A 208 37.04 -10.98 11.27
C GLU A 208 37.13 -11.01 12.79
N ASN A 209 36.52 -10.02 13.43
CA ASN A 209 36.57 -9.92 14.88
C ASN A 209 35.48 -10.66 15.60
N GLY A 210 34.61 -11.33 14.83
CA GLY A 210 33.54 -12.10 15.43
C GLY A 210 32.43 -11.27 16.06
N VAL A 211 32.24 -10.05 15.59
CA VAL A 211 31.20 -9.17 16.12
C VAL A 211 29.88 -9.46 15.40
N ASN A 212 28.88 -9.90 16.15
CA ASN A 212 27.56 -10.25 15.58
C ASN A 212 27.82 -11.05 14.31
N LEU A 213 28.56 -12.14 14.48
CA LEU A 213 28.97 -12.99 13.38
C LEU A 213 27.95 -13.36 12.32
N GLU A 214 26.86 -13.97 12.73
CA GLU A 214 25.84 -14.40 11.77
C GLU A 214 25.16 -13.23 11.09
N GLN A 215 24.90 -12.17 11.83
CA GLN A 215 24.29 -10.98 11.27
C GLN A 215 25.23 -10.36 10.24
N THR A 216 26.51 -10.37 10.53
CA THR A 216 27.49 -9.79 9.62
C THR A 216 27.62 -10.61 8.33
N ILE A 217 27.64 -11.93 8.46
CA ILE A 217 27.72 -12.78 7.28
C ILE A 217 26.46 -12.60 6.45
N ARG A 218 25.30 -12.61 7.10
CA ARG A 218 24.04 -12.42 6.37
C ARG A 218 24.03 -11.11 5.60
N LEU A 219 24.43 -10.02 6.24
CA LEU A 219 24.41 -8.73 5.58
C LEU A 219 25.43 -8.65 4.45
N ARG A 220 26.60 -9.26 4.63
CA ARG A 220 27.57 -9.24 3.54
C ARG A 220 27.02 -9.99 2.33
N GLU A 221 26.34 -11.13 2.55
CA GLU A 221 25.79 -11.85 1.41
C GLU A 221 24.70 -11.02 0.75
N GLU A 222 23.88 -10.36 1.57
CA GLU A 222 22.82 -9.53 1.00
C GLU A 222 23.41 -8.42 0.16
N ILE A 223 24.48 -7.75 0.64
CA ILE A 223 25.08 -6.69 -0.15
C ILE A 223 25.69 -7.26 -1.44
N ALA A 224 26.27 -8.44 -1.39
CA ALA A 224 26.82 -9.05 -2.61
C ALA A 224 25.67 -9.30 -3.61
N GLU A 225 24.52 -9.76 -3.12
CA GLU A 225 23.37 -10.00 -4.00
C GLU A 225 22.86 -8.67 -4.56
N GLN A 226 22.88 -7.62 -3.73
CA GLN A 226 22.45 -6.29 -4.20
C GLN A 226 23.36 -5.81 -5.33
N HIS A 227 24.66 -5.98 -5.16
CA HIS A 227 25.65 -5.55 -6.15
C HIS A 227 25.40 -6.32 -7.48
N ARG A 228 25.14 -7.62 -7.37
CA ARG A 228 24.86 -8.45 -8.53
C ARG A 228 23.58 -7.96 -9.21
N ALA A 229 22.55 -7.61 -8.43
CA ALA A 229 21.31 -7.13 -9.01
C ALA A 229 21.53 -5.82 -9.76
N LEU A 230 22.39 -4.93 -9.24
CA LEU A 230 22.65 -3.69 -9.94
C LEU A 230 23.25 -3.97 -11.31
N GLY A 231 24.17 -4.93 -11.38
CA GLY A 231 24.77 -5.27 -12.66
C GLY A 231 23.70 -5.77 -13.61
N GLN A 232 22.77 -6.57 -13.09
CA GLN A 232 21.69 -7.11 -13.92
C GLN A 232 20.79 -6.01 -14.44
N MET A 233 20.61 -4.94 -13.65
CA MET A 233 19.80 -3.82 -14.09
C MET A 233 20.39 -3.20 -15.34
N LYS A 234 21.72 -3.10 -15.40
CA LYS A 234 22.36 -2.57 -16.61
C LYS A 234 22.04 -3.46 -17.81
N GLU A 235 22.12 -4.77 -17.63
CA GLU A 235 21.83 -5.67 -18.75
C GLU A 235 20.39 -5.56 -19.21
N MET A 236 19.48 -5.42 -18.26
CA MET A 236 18.05 -5.27 -18.57
C MET A 236 17.83 -4.02 -19.41
N ALA A 237 18.39 -2.91 -18.95
CA ALA A 237 18.22 -1.65 -19.69
C ALA A 237 18.84 -1.72 -21.08
N ALA A 238 19.94 -2.45 -21.22
CA ALA A 238 20.60 -2.56 -22.52
C ALA A 238 19.71 -3.28 -23.54
N LYS A 239 18.82 -4.16 -23.07
CA LYS A 239 17.91 -4.85 -23.98
C LYS A 239 17.00 -3.83 -24.67
N TYR A 240 16.76 -2.71 -23.99
CA TYR A 240 15.94 -1.63 -24.50
C TYR A 240 16.75 -0.56 -25.20
N GLY A 241 18.04 -0.81 -25.40
CA GLY A 241 18.89 0.16 -26.09
C GLY A 241 19.46 1.28 -25.24
N TYR A 242 19.43 1.12 -23.92
CA TYR A 242 19.98 2.16 -23.06
C TYR A 242 21.17 1.72 -22.24
N ASP A 243 22.16 2.60 -22.13
CA ASP A 243 23.33 2.36 -21.32
C ASP A 243 23.15 3.21 -20.06
N ILE A 244 22.81 2.55 -18.95
CA ILE A 244 22.58 3.26 -17.69
C ILE A 244 23.73 3.15 -16.69
N SER A 245 24.93 2.90 -17.22
CA SER A 245 26.11 2.83 -16.35
C SER A 245 26.37 4.18 -15.68
N GLY A 246 26.12 5.27 -16.39
CA GLY A 246 26.33 6.60 -15.84
C GLY A 246 25.01 7.27 -15.50
N PRO A 247 25.05 8.43 -14.82
CA PRO A 247 23.86 9.19 -14.41
C PRO A 247 23.05 9.73 -15.58
N ALA A 248 21.76 9.96 -15.34
CA ALA A 248 20.87 10.49 -16.36
C ALA A 248 21.34 11.92 -16.69
N THR A 249 21.32 12.28 -17.96
CA THR A 249 21.81 13.60 -18.36
C THR A 249 20.73 14.61 -18.73
N ASN A 250 19.47 14.19 -18.78
CA ASN A 250 18.39 15.09 -19.15
C ASN A 250 17.09 14.55 -18.53
N ALA A 251 15.97 15.22 -18.78
CA ALA A 251 14.70 14.82 -18.17
C ALA A 251 14.22 13.45 -18.62
N GLN A 252 14.29 13.19 -19.92
CA GLN A 252 13.83 11.91 -20.43
C GLN A 252 14.63 10.78 -19.79
N GLU A 253 15.94 10.96 -19.69
CA GLU A 253 16.77 9.92 -19.08
C GLU A 253 16.54 9.82 -17.58
N ALA A 254 16.27 10.94 -16.91
CA ALA A 254 16.06 10.84 -15.47
C ALA A 254 14.80 10.03 -15.19
N ILE A 255 13.75 10.29 -15.96
CA ILE A 255 12.48 9.56 -15.83
C ILE A 255 12.72 8.09 -16.23
N GLN A 256 13.41 7.86 -17.35
CA GLN A 256 13.68 6.51 -17.81
C GLN A 256 14.54 5.70 -16.85
N TRP A 257 15.59 6.32 -16.33
CA TRP A 257 16.50 5.64 -15.39
C TRP A 257 15.77 5.27 -14.11
N THR A 258 14.97 6.20 -13.59
CA THR A 258 14.21 5.95 -12.36
C THR A 258 13.26 4.78 -12.65
N TYR A 259 12.55 4.84 -13.77
CA TYR A 259 11.64 3.75 -14.10
C TYR A 259 12.38 2.41 -14.25
N PHE A 260 13.58 2.40 -14.83
CA PHE A 260 14.32 1.14 -14.96
C PHE A 260 14.63 0.53 -13.59
N GLY A 261 14.93 1.37 -12.60
CA GLY A 261 15.19 0.84 -11.26
C GLY A 261 13.95 0.11 -10.77
N TYR A 262 12.78 0.72 -11.00
CA TYR A 262 11.51 0.15 -10.59
C TYR A 262 11.19 -1.10 -11.42
N LEU A 263 11.51 -1.05 -12.71
CA LEU A 263 11.23 -2.18 -13.59
C LEU A 263 11.98 -3.44 -13.13
N ALA A 264 13.23 -3.27 -12.70
CA ALA A 264 13.99 -4.41 -12.20
C ALA A 264 13.27 -5.01 -10.99
N ALA A 265 12.69 -4.14 -10.15
CA ALA A 265 11.97 -4.61 -8.96
C ALA A 265 10.74 -5.43 -9.35
N VAL A 266 9.93 -4.93 -10.27
CA VAL A 266 8.71 -5.64 -10.65
C VAL A 266 8.90 -6.80 -11.62
N LYS A 267 10.13 -6.98 -12.10
CA LYS A 267 10.47 -8.14 -12.93
C LYS A 267 11.00 -9.25 -11.99
N SER A 268 11.48 -8.88 -10.81
CA SER A 268 12.09 -9.87 -9.91
C SER A 268 11.33 -10.23 -8.63
N GLN A 269 10.41 -9.37 -8.24
CA GLN A 269 9.65 -9.59 -7.01
C GLN A 269 8.18 -9.33 -7.25
N ASN A 270 7.32 -10.06 -6.53
CA ASN A 270 5.88 -9.88 -6.69
C ASN A 270 5.23 -9.44 -5.39
N GLY A 271 5.86 -8.49 -4.71
CA GLY A 271 5.28 -7.97 -3.49
C GLY A 271 3.85 -7.50 -3.67
N ALA A 272 3.03 -7.65 -2.64
CA ALA A 272 1.64 -7.23 -2.75
C ALA A 272 1.63 -5.75 -3.15
N ALA A 273 2.41 -4.93 -2.46
CA ALA A 273 2.53 -3.52 -2.86
C ALA A 273 3.94 -3.32 -3.38
N MET A 274 4.04 -2.79 -4.61
CA MET A 274 5.34 -2.45 -5.22
C MET A 274 5.23 -0.95 -5.46
N SER A 275 5.45 -0.18 -4.42
CA SER A 275 5.27 1.28 -4.50
C SER A 275 6.40 2.00 -5.22
N PHE A 276 6.07 3.13 -5.85
CA PHE A 276 7.05 3.86 -6.65
C PHE A 276 7.95 4.80 -5.86
N GLY A 277 7.38 5.47 -4.85
CA GLY A 277 8.17 6.35 -4.00
C GLY A 277 7.74 7.80 -3.94
N ARG A 278 8.71 8.70 -3.87
CA ARG A 278 8.42 10.15 -3.82
C ARG A 278 9.32 10.71 -4.92
N THR A 279 8.82 10.62 -6.14
CA THR A 279 9.63 10.94 -7.31
C THR A 279 9.30 12.16 -8.11
N SER A 280 8.07 12.64 -8.02
CA SER A 280 7.68 13.76 -8.88
C SER A 280 8.48 15.03 -8.71
N THR A 281 8.76 15.45 -7.47
CA THR A 281 9.57 16.64 -7.29
C THR A 281 11.03 16.41 -7.69
N PHE A 282 11.57 15.25 -7.38
CA PHE A 282 12.93 14.91 -7.80
C PHE A 282 13.03 15.04 -9.33
N LEU A 283 12.06 14.45 -10.06
CA LEU A 283 12.08 14.49 -11.51
C LEU A 283 11.91 15.93 -12.03
N ASP A 284 11.22 16.78 -11.27
CA ASP A 284 11.05 18.16 -11.70
C ASP A 284 12.38 18.88 -11.84
N VAL A 285 13.38 18.49 -11.04
CA VAL A 285 14.69 19.15 -11.15
C VAL A 285 15.24 19.03 -12.58
N TYR A 286 15.11 17.85 -13.16
CA TYR A 286 15.60 17.61 -14.53
C TYR A 286 14.70 18.23 -15.59
N ILE A 287 13.39 18.20 -15.36
CA ILE A 287 12.44 18.78 -16.30
C ILE A 287 12.64 20.28 -16.35
N GLU A 288 12.75 20.91 -15.17
CA GLU A 288 12.92 22.36 -15.10
C GLU A 288 14.20 22.77 -15.83
N ARG A 289 15.29 22.04 -15.61
CA ARG A 289 16.55 22.38 -16.30
C ARG A 289 16.41 22.33 -17.82
N ASP A 290 15.73 21.30 -18.33
CA ASP A 290 15.54 21.16 -19.77
C ASP A 290 14.59 22.21 -20.32
N LEU A 291 13.56 22.58 -19.57
CA LEU A 291 12.62 23.61 -20.03
C LEU A 291 13.32 24.94 -20.14
N LYS A 292 14.09 25.28 -19.12
CA LYS A 292 14.80 26.57 -19.14
C LYS A 292 15.85 26.66 -20.22
N ALA A 293 16.41 25.51 -20.61
CA ALA A 293 17.42 25.47 -21.65
C ALA A 293 16.79 25.43 -23.04
N GLY A 294 15.46 25.28 -23.07
CA GLY A 294 14.73 25.22 -24.33
C GLY A 294 14.92 23.88 -25.01
N LYS A 295 15.36 22.88 -24.25
CA LYS A 295 15.61 21.54 -24.80
C LYS A 295 14.31 20.80 -25.05
N ILE A 296 13.33 21.02 -24.17
CA ILE A 296 12.01 20.42 -24.33
C ILE A 296 10.93 21.47 -24.09
N THR A 297 9.74 21.20 -24.59
CA THR A 297 8.59 22.08 -24.39
C THR A 297 7.76 21.52 -23.24
N GLU A 298 6.80 22.30 -22.74
CA GLU A 298 5.95 21.81 -21.66
C GLU A 298 5.14 20.61 -22.14
N GLN A 299 4.65 20.62 -23.37
CA GLN A 299 3.89 19.46 -23.81
C GLN A 299 4.78 18.21 -23.88
N GLU A 300 6.05 18.38 -24.24
CA GLU A 300 6.98 17.24 -24.29
C GLU A 300 7.23 16.74 -22.88
N ALA A 301 7.29 17.65 -21.91
CA ALA A 301 7.51 17.25 -20.52
C ALA A 301 6.31 16.47 -20.03
N GLN A 302 5.10 16.96 -20.33
CA GLN A 302 3.89 16.24 -19.91
C GLN A 302 3.86 14.86 -20.57
N GLU A 303 4.28 14.80 -21.83
CA GLU A 303 4.29 13.51 -22.54
C GLU A 303 5.20 12.47 -21.87
N MET A 304 6.38 12.90 -21.44
CA MET A 304 7.29 11.98 -20.77
C MET A 304 6.66 11.51 -19.45
N VAL A 305 6.07 12.44 -18.70
CA VAL A 305 5.39 12.06 -17.46
C VAL A 305 4.24 11.09 -17.80
N ASP A 306 3.47 11.40 -18.84
CA ASP A 306 2.38 10.53 -19.24
C ASP A 306 2.86 9.12 -19.59
N HIS A 307 3.96 9.00 -20.33
CA HIS A 307 4.43 7.66 -20.71
C HIS A 307 4.96 6.89 -19.52
N LEU A 308 5.57 7.58 -18.57
CA LEU A 308 6.04 6.92 -17.33
C LEU A 308 4.81 6.43 -16.56
N VAL A 309 3.87 7.33 -16.33
CA VAL A 309 2.67 6.97 -15.58
C VAL A 309 1.88 5.87 -16.27
N MET A 310 1.86 5.90 -17.61
CA MET A 310 1.18 4.85 -18.35
C MET A 310 1.82 3.49 -18.05
N LYS A 311 3.16 3.43 -17.96
CA LYS A 311 3.81 2.16 -17.62
C LYS A 311 3.43 1.74 -16.20
N LEU A 312 3.25 2.70 -15.28
CA LEU A 312 2.85 2.31 -13.93
C LEU A 312 1.42 1.76 -13.94
N ARG A 313 0.62 2.20 -14.91
CA ARG A 313 -0.75 1.68 -15.06
C ARG A 313 -0.75 0.28 -15.65
N MET A 314 0.42 -0.21 -16.07
CA MET A 314 0.52 -1.51 -16.74
C MET A 314 1.22 -2.61 -15.95
N VAL A 315 1.61 -2.29 -14.72
CA VAL A 315 2.28 -3.29 -13.89
C VAL A 315 1.24 -4.35 -13.53
N ARG A 316 1.61 -5.62 -13.66
CA ARG A 316 0.71 -6.73 -13.36
C ARG A 316 1.44 -7.90 -12.73
N PHE A 317 0.73 -8.63 -11.88
CA PHE A 317 1.29 -9.84 -11.26
C PHE A 317 0.26 -10.96 -11.32
N LEU A 318 0.75 -12.18 -11.54
CA LEU A 318 -0.13 -13.36 -11.58
C LEU A 318 -0.51 -13.67 -10.13
N ARG A 319 -1.81 -13.63 -9.84
CA ARG A 319 -2.34 -13.88 -8.50
C ARG A 319 -3.38 -14.98 -8.52
N THR A 320 -3.59 -15.63 -7.39
CA THR A 320 -4.58 -16.70 -7.29
C THR A 320 -5.95 -16.12 -6.94
N PRO A 321 -7.02 -16.90 -7.11
CA PRO A 321 -8.35 -16.38 -6.78
C PRO A 321 -8.41 -16.03 -5.27
N GLU A 322 -7.68 -16.79 -4.46
CA GLU A 322 -7.65 -16.52 -3.02
C GLU A 322 -7.07 -15.13 -2.77
N TYR A 323 -5.98 -14.82 -3.45
CA TYR A 323 -5.35 -13.51 -3.30
C TYR A 323 -6.34 -12.44 -3.75
N ASP A 324 -7.05 -12.69 -4.85
CA ASP A 324 -8.01 -11.72 -5.37
C ASP A 324 -9.12 -11.37 -4.36
N GLU A 325 -9.45 -12.31 -3.47
CA GLU A 325 -10.47 -12.02 -2.45
C GLU A 325 -9.94 -11.11 -1.36
N LEU A 326 -8.66 -11.26 -1.04
CA LEU A 326 -8.00 -10.48 0.01
C LEU A 326 -7.54 -9.11 -0.45
N PHE A 327 -7.20 -9.01 -1.73
CA PHE A 327 -6.66 -7.78 -2.31
C PHE A 327 -7.40 -7.58 -3.63
N SER A 328 -8.61 -7.05 -3.54
CA SER A 328 -9.46 -6.93 -4.73
C SER A 328 -9.13 -5.82 -5.70
N GLY A 329 -9.59 -6.02 -6.93
CA GLY A 329 -9.43 -5.01 -7.95
C GLY A 329 -8.14 -5.00 -8.73
N ASP A 330 -7.39 -6.11 -8.71
CA ASP A 330 -6.13 -6.20 -9.44
C ASP A 330 -5.21 -5.04 -9.03
N PRO A 331 -4.97 -4.87 -7.72
CA PRO A 331 -4.11 -3.78 -7.26
C PRO A 331 -2.61 -4.02 -7.37
N ILE A 332 -1.85 -2.92 -7.42
CA ILE A 332 -0.40 -2.95 -7.49
C ILE A 332 0.18 -2.06 -6.40
N TRP A 333 -0.53 -0.98 -6.08
CA TRP A 333 -0.05 0.03 -5.13
C TRP A 333 1.27 0.62 -5.62
N ALA A 334 1.29 1.12 -6.86
CA ALA A 334 2.49 1.80 -7.38
C ALA A 334 2.29 3.22 -6.85
N THR A 335 2.46 3.35 -5.54
CA THR A 335 2.18 4.61 -4.85
C THR A 335 3.23 5.69 -5.06
N GLU A 336 2.76 6.89 -5.39
CA GLU A 336 3.63 8.05 -5.62
C GLU A 336 3.21 9.14 -4.64
N SER A 337 4.18 9.62 -3.87
CA SER A 337 3.91 10.65 -2.85
C SER A 337 4.24 12.00 -3.44
N ILE A 338 3.20 12.83 -3.51
CA ILE A 338 3.28 14.14 -4.14
C ILE A 338 3.23 15.33 -3.19
N GLY A 339 4.07 16.31 -3.48
CA GLY A 339 4.04 17.53 -2.71
C GLY A 339 4.64 17.52 -1.33
N GLY A 340 3.84 17.94 -0.36
CA GLY A 340 4.32 18.04 1.01
C GLY A 340 5.12 19.33 1.19
N MET A 341 5.66 19.50 2.39
CA MET A 341 6.48 20.68 2.73
C MET A 341 7.84 20.20 3.24
N GLY A 342 8.86 21.03 3.03
CA GLY A 342 10.18 20.69 3.53
C GLY A 342 10.34 21.09 4.99
N LEU A 343 11.34 20.53 5.66
CA LEU A 343 11.60 20.90 7.05
C LEU A 343 11.89 22.41 7.16
N ASP A 344 12.39 23.00 6.07
CA ASP A 344 12.71 24.43 6.07
C ASP A 344 11.51 25.34 5.82
N GLY A 345 10.32 24.76 5.69
CA GLY A 345 9.14 25.59 5.47
C GLY A 345 8.74 25.86 4.05
N ARG A 346 9.65 25.59 3.11
CA ARG A 346 9.31 25.78 1.70
C ARG A 346 8.39 24.65 1.29
N THR A 347 7.55 24.87 0.29
CA THR A 347 6.73 23.76 -0.16
C THR A 347 7.57 22.89 -1.09
N LEU A 348 7.29 21.58 -1.10
CA LEU A 348 7.95 20.65 -2.01
C LEU A 348 7.07 20.43 -3.24
N VAL A 349 5.98 21.19 -3.32
CA VAL A 349 5.14 21.14 -4.51
C VAL A 349 5.95 21.78 -5.64
N THR A 350 5.92 21.16 -6.81
CA THR A 350 6.63 21.64 -8.00
C THR A 350 5.63 21.60 -9.17
N LYS A 351 6.03 22.13 -10.32
CA LYS A 351 5.15 22.02 -11.48
C LYS A 351 4.88 20.53 -11.75
N ASN A 352 5.86 19.67 -11.47
CA ASN A 352 5.67 18.25 -11.74
C ASN A 352 4.60 17.61 -10.86
N SER A 353 4.33 18.22 -9.69
CA SER A 353 3.24 17.73 -8.84
C SER A 353 1.95 17.86 -9.66
N PHE A 354 1.83 18.99 -10.36
CA PHE A 354 0.67 19.23 -11.19
C PHE A 354 0.65 18.30 -12.42
N ARG A 355 1.82 18.03 -13.00
CA ARG A 355 1.88 17.16 -14.18
C ARG A 355 1.43 15.75 -13.82
N PHE A 356 1.83 15.26 -12.64
CA PHE A 356 1.41 13.91 -12.27
C PHE A 356 -0.10 13.86 -12.11
N LEU A 357 -0.69 14.84 -11.44
CA LEU A 357 -2.14 14.85 -11.27
C LEU A 357 -2.83 14.96 -12.64
N ASN A 358 -2.20 15.72 -13.54
CA ASN A 358 -2.74 15.94 -14.87
C ASN A 358 -2.87 14.66 -15.69
N THR A 359 -2.16 13.60 -15.30
CA THR A 359 -2.29 12.36 -16.05
C THR A 359 -3.72 11.81 -15.94
N LEU A 360 -4.46 12.22 -14.91
CA LEU A 360 -5.84 11.77 -14.73
C LEU A 360 -6.77 12.46 -15.72
N TYR A 361 -6.25 13.49 -16.40
CA TYR A 361 -7.00 14.19 -17.46
C TYR A 361 -6.43 13.76 -18.81
N THR A 362 -5.10 13.76 -18.96
CA THR A 362 -4.52 13.39 -20.26
C THR A 362 -4.85 11.95 -20.65
N MET A 363 -4.89 11.05 -19.67
CA MET A 363 -5.19 9.65 -19.97
C MET A 363 -6.42 9.14 -19.18
N GLY A 364 -7.18 10.08 -18.61
CA GLY A 364 -8.38 9.71 -17.86
C GLY A 364 -8.12 9.14 -16.48
N PRO A 365 -9.19 8.86 -15.73
CA PRO A 365 -9.06 8.30 -14.38
C PRO A 365 -8.40 6.92 -14.41
N SER A 366 -7.60 6.63 -13.39
CA SER A 366 -6.94 5.33 -13.29
C SER A 366 -6.61 5.08 -11.84
N PRO A 367 -6.71 3.82 -11.41
CA PRO A 367 -6.41 3.49 -10.02
C PRO A 367 -4.93 3.45 -9.69
N GLU A 368 -4.11 3.20 -10.70
CA GLU A 368 -2.66 3.14 -10.53
C GLU A 368 -2.09 4.13 -11.53
N PRO A 369 -1.00 4.83 -11.18
CA PRO A 369 -0.32 4.74 -9.89
C PRO A 369 -1.26 5.31 -8.82
N ASN A 370 -0.99 4.93 -7.57
CA ASN A 370 -1.79 5.35 -6.43
C ASN A 370 -1.27 6.71 -5.99
N MET A 371 -1.81 7.77 -6.57
CA MET A 371 -1.31 9.11 -6.27
C MET A 371 -1.79 9.64 -4.95
N THR A 372 -0.79 9.95 -4.12
CA THR A 372 -1.00 10.33 -2.73
C THR A 372 -0.49 11.73 -2.47
N ILE A 373 -1.41 12.62 -2.13
CA ILE A 373 -1.06 14.01 -1.82
C ILE A 373 -0.61 14.13 -0.37
N LEU A 374 0.62 14.62 -0.15
CA LEU A 374 1.11 14.84 1.21
C LEU A 374 0.61 16.24 1.56
N TRP A 375 -0.47 16.26 2.33
CA TRP A 375 -1.16 17.48 2.69
C TRP A 375 -0.61 18.20 3.89
N SER A 376 -0.57 19.53 3.76
CA SER A 376 -0.18 20.41 4.84
C SER A 376 -1.11 21.59 4.76
N GLU A 377 -1.42 22.16 5.91
CA GLU A 377 -2.27 23.34 5.94
C GLU A 377 -1.53 24.49 5.26
N LYS A 378 -0.20 24.36 5.16
CA LYS A 378 0.61 25.39 4.53
C LYS A 378 0.90 25.20 3.05
N LEU A 379 0.28 24.20 2.43
CA LEU A 379 0.46 24.02 0.99
C LEU A 379 -0.08 25.24 0.27
N PRO A 380 0.45 25.53 -0.93
CA PRO A 380 -0.06 26.70 -1.67
C PRO A 380 -1.54 26.46 -1.95
N LEU A 381 -2.36 27.48 -1.77
CA LEU A 381 -3.78 27.31 -2.02
C LEU A 381 -4.05 26.87 -3.46
N ASN A 382 -3.25 27.34 -4.40
CA ASN A 382 -3.44 26.94 -5.80
C ASN A 382 -3.37 25.43 -5.95
N PHE A 383 -2.45 24.80 -5.24
CA PHE A 383 -2.31 23.35 -5.31
C PHE A 383 -3.43 22.64 -4.55
N LYS A 384 -3.79 23.15 -3.36
CA LYS A 384 -4.87 22.56 -2.58
C LYS A 384 -6.14 22.50 -3.45
N LYS A 385 -6.42 23.60 -4.16
CA LYS A 385 -7.63 23.65 -4.99
C LYS A 385 -7.57 22.76 -6.21
N PHE A 386 -6.40 22.65 -6.84
CA PHE A 386 -6.29 21.78 -7.99
C PHE A 386 -6.42 20.32 -7.58
N ALA A 387 -5.78 19.91 -6.48
CA ALA A 387 -5.93 18.54 -6.01
C ALA A 387 -7.42 18.27 -5.71
N ALA A 388 -8.09 19.23 -5.05
CA ALA A 388 -9.50 19.04 -4.73
C ALA A 388 -10.32 18.89 -6.00
N LYS A 389 -10.00 19.69 -7.01
CA LYS A 389 -10.69 19.61 -8.30
C LYS A 389 -10.48 18.22 -8.94
N VAL A 390 -9.25 17.73 -8.89
CA VAL A 390 -8.96 16.42 -9.45
C VAL A 390 -9.76 15.34 -8.70
N SER A 391 -9.90 15.46 -7.39
CA SER A 391 -10.69 14.48 -6.63
C SER A 391 -12.15 14.54 -7.06
N ILE A 392 -12.66 15.76 -7.18
CA ILE A 392 -14.06 15.96 -7.57
C ILE A 392 -14.30 15.35 -8.95
N ASP A 393 -13.37 15.57 -9.86
CA ASP A 393 -13.53 15.07 -11.22
C ASP A 393 -13.26 13.59 -11.43
N THR A 394 -12.35 13.03 -10.61
CA THR A 394 -11.94 11.65 -10.85
C THR A 394 -11.97 10.66 -9.69
N SER A 395 -12.10 11.15 -8.45
CA SER A 395 -12.09 10.26 -7.27
C SER A 395 -10.88 9.32 -7.28
N SER A 396 -9.76 9.78 -7.84
CA SER A 396 -8.59 8.92 -7.93
C SER A 396 -7.45 9.17 -6.97
N LEU A 397 -7.56 10.22 -6.15
CA LEU A 397 -6.49 10.58 -5.21
C LEU A 397 -6.77 10.25 -3.76
N GLN A 398 -5.69 10.11 -3.00
CA GLN A 398 -5.82 9.99 -1.56
C GLN A 398 -4.90 11.07 -0.99
N TYR A 399 -5.11 11.38 0.28
CA TYR A 399 -4.40 12.43 0.97
C TYR A 399 -3.86 11.90 2.28
N GLU A 400 -2.65 12.31 2.66
CA GLU A 400 -2.08 11.88 3.93
C GLU A 400 -1.47 13.07 4.63
N ASN A 401 -1.42 13.00 5.96
CA ASN A 401 -1.00 14.15 6.74
C ASN A 401 0.48 14.45 6.87
N ASP A 402 0.97 15.35 6.02
CA ASP A 402 2.38 15.73 6.06
C ASP A 402 2.71 16.51 7.34
N ASP A 403 1.73 17.26 7.86
CA ASP A 403 1.96 18.04 9.09
C ASP A 403 2.13 17.14 10.30
N LEU A 404 1.71 15.88 10.14
CA LEU A 404 1.84 14.90 11.19
C LEU A 404 3.08 14.02 10.95
N MET A 405 3.24 13.52 9.72
CA MET A 405 4.35 12.61 9.45
C MET A 405 5.73 13.22 9.31
N ARG A 406 5.83 14.38 8.66
CA ARG A 406 7.15 14.99 8.53
C ARG A 406 7.76 15.28 9.91
N PRO A 407 7.00 15.88 10.83
CA PRO A 407 7.59 16.14 12.15
C PRO A 407 7.86 14.86 12.94
N ASP A 408 7.04 13.83 12.73
CA ASP A 408 7.22 12.56 13.44
C ASP A 408 8.57 11.94 13.07
N PHE A 409 8.95 12.06 11.80
CA PHE A 409 10.23 11.53 11.31
C PHE A 409 11.35 12.57 11.36
N ASN A 410 10.95 13.83 11.44
CA ASN A 410 11.83 15.00 11.31
C ASN A 410 12.54 14.75 9.98
N ASN A 411 11.74 14.49 8.94
CA ASN A 411 12.30 14.19 7.62
C ASN A 411 11.27 14.58 6.56
N ASP A 412 11.75 15.18 5.47
CA ASP A 412 10.87 15.60 4.38
C ASP A 412 11.11 14.79 3.11
N ASP A 413 11.65 13.59 3.27
CA ASP A 413 11.88 12.71 2.13
C ASP A 413 11.40 11.28 2.43
N TYR A 414 10.24 11.20 3.09
CA TYR A 414 9.60 9.92 3.38
C TYR A 414 8.54 9.72 2.28
N ALA A 415 8.21 8.45 2.02
CA ALA A 415 7.19 8.13 1.03
C ALA A 415 6.21 7.16 1.66
N ILE A 416 5.08 6.96 0.99
CA ILE A 416 4.06 6.05 1.46
C ILE A 416 4.15 4.71 0.72
N ALA A 417 4.25 3.62 1.47
CA ALA A 417 4.27 2.30 0.86
C ALA A 417 2.84 1.77 0.99
N CYS A 418 2.40 1.09 -0.06
CA CYS A 418 1.07 0.53 -0.15
C CYS A 418 0.01 1.61 0.00
N CYS A 419 -0.70 1.61 1.11
CA CYS A 419 -1.79 2.57 1.30
C CYS A 419 -1.46 3.76 2.18
N VAL A 420 -0.99 3.46 3.39
CA VAL A 420 -0.79 4.49 4.40
C VAL A 420 0.47 4.35 5.26
N SER A 421 1.43 3.53 4.82
CA SER A 421 2.60 3.23 5.66
C SER A 421 3.85 4.01 5.26
N PRO A 422 4.22 5.02 6.06
CA PRO A 422 5.39 5.83 5.73
C PRO A 422 6.75 5.24 6.04
N MET A 423 7.72 5.63 5.21
CA MET A 423 9.10 5.18 5.38
C MET A 423 10.04 6.24 4.77
N ILE A 424 11.16 6.50 5.44
CA ILE A 424 12.14 7.44 4.90
C ILE A 424 12.78 6.71 3.72
N VAL A 425 12.74 7.34 2.54
CA VAL A 425 13.20 6.68 1.32
C VAL A 425 14.66 6.25 1.30
N GLY A 426 14.84 4.95 1.08
CA GLY A 426 16.18 4.35 1.02
C GLY A 426 16.77 4.05 2.37
N LYS A 427 16.03 4.35 3.44
CA LYS A 427 16.54 4.14 4.79
C LYS A 427 15.68 3.26 5.67
N GLN A 428 14.49 2.92 5.19
CA GLN A 428 13.52 2.20 6.01
C GLN A 428 12.62 1.37 5.13
N MET A 429 12.13 0.27 5.70
CA MET A 429 11.18 -0.62 5.04
C MET A 429 10.29 -1.21 6.13
N GLN A 430 9.22 -1.88 5.72
CA GLN A 430 8.39 -2.59 6.69
C GLN A 430 8.40 -4.06 6.34
N PHE A 431 8.27 -4.88 7.38
CA PHE A 431 8.03 -6.32 7.20
C PHE A 431 6.47 -6.35 7.23
N PHE A 432 5.86 -6.55 6.08
CA PHE A 432 4.38 -6.55 5.96
C PHE A 432 3.73 -7.67 6.79
N GLY A 433 2.66 -7.34 7.50
CA GLY A 433 1.97 -8.35 8.30
C GLY A 433 0.50 -8.55 7.98
N ALA A 434 0.00 -7.92 6.93
CA ALA A 434 -1.42 -8.01 6.59
C ALA A 434 -2.22 -7.58 7.85
N ARG A 435 -3.27 -8.29 8.23
CA ARG A 435 -4.04 -7.86 9.41
C ARG A 435 -4.72 -8.99 10.12
N ALA A 436 -4.97 -8.78 11.42
CA ALA A 436 -5.66 -9.76 12.27
C ALA A 436 -7.13 -9.42 12.43
N ASN A 437 -7.95 -10.43 12.71
CA ASN A 437 -9.40 -10.22 12.89
C ASN A 437 -9.71 -9.88 14.34
N LEU A 438 -9.83 -8.59 14.64
CA LEU A 438 -10.10 -8.18 16.01
C LEU A 438 -11.54 -8.49 16.44
N ALA A 439 -12.48 -8.45 15.49
CA ALA A 439 -13.89 -8.71 15.81
C ALA A 439 -14.10 -10.17 16.23
N LYS A 440 -13.49 -11.08 15.49
CA LYS A 440 -13.65 -12.49 15.83
C LYS A 440 -12.96 -12.76 17.15
N THR A 441 -11.90 -12.01 17.44
CA THR A 441 -11.18 -12.20 18.69
C THR A 441 -12.11 -11.89 19.86
N MET A 442 -13.02 -10.94 19.68
CA MET A 442 -13.96 -10.58 20.74
C MET A 442 -14.97 -11.72 20.94
N LEU A 443 -15.40 -12.33 19.85
CA LEU A 443 -16.33 -13.45 19.96
C LEU A 443 -15.64 -14.59 20.70
N TYR A 444 -14.35 -14.79 20.44
CA TYR A 444 -13.60 -15.84 21.10
C TYR A 444 -13.60 -15.61 22.59
N ALA A 445 -13.54 -14.35 23.01
CA ALA A 445 -13.53 -14.02 24.42
C ALA A 445 -14.86 -14.43 25.05
N ILE A 446 -15.96 -14.18 24.34
CA ILE A 446 -17.29 -14.52 24.82
C ILE A 446 -17.52 -16.04 24.76
N ASN A 447 -16.96 -16.69 23.75
CA ASN A 447 -17.14 -18.12 23.57
C ASN A 447 -16.04 -19.07 24.04
N GLY A 448 -15.18 -18.60 24.95
CA GLY A 448 -14.13 -19.45 25.49
C GLY A 448 -13.13 -19.98 24.47
N GLY A 449 -12.85 -19.21 23.43
CA GLY A 449 -11.87 -19.65 22.44
C GLY A 449 -12.39 -20.55 21.33
N VAL A 450 -13.67 -20.91 21.41
CA VAL A 450 -14.28 -21.78 20.41
C VAL A 450 -14.80 -20.93 19.24
N ASP A 451 -14.47 -21.35 18.02
CA ASP A 451 -14.93 -20.62 16.84
C ASP A 451 -16.43 -20.77 16.65
N GLU A 452 -17.10 -19.65 16.43
CA GLU A 452 -18.55 -19.62 16.27
C GLU A 452 -19.10 -20.26 15.01
N LYS A 453 -18.24 -20.48 14.01
CA LYS A 453 -18.67 -21.12 12.78
C LYS A 453 -18.19 -22.56 12.69
N LEU A 454 -16.92 -22.78 13.05
CA LEU A 454 -16.36 -24.13 12.97
C LEU A 454 -16.60 -24.99 14.20
N LYS A 455 -16.97 -24.37 15.31
CA LYS A 455 -17.20 -25.10 16.55
C LYS A 455 -15.96 -25.91 16.95
N MET A 456 -14.81 -25.30 16.71
CA MET A 456 -13.51 -25.88 17.00
C MET A 456 -12.79 -24.99 18.01
N GLN A 457 -11.99 -25.59 18.88
CA GLN A 457 -11.23 -24.84 19.86
C GLN A 457 -10.05 -24.23 19.12
N VAL A 458 -10.05 -22.92 18.93
CA VAL A 458 -8.96 -22.25 18.22
C VAL A 458 -8.12 -21.44 19.20
N GLY A 459 -8.79 -20.62 20.00
CA GLY A 459 -8.09 -19.83 20.99
C GLY A 459 -7.85 -20.70 22.21
N PRO A 460 -7.12 -20.22 23.23
CA PRO A 460 -6.91 -21.07 24.41
C PRO A 460 -8.22 -21.44 25.09
N LYS A 461 -8.28 -22.64 25.66
CA LYS A 461 -9.50 -23.09 26.32
C LYS A 461 -9.75 -22.14 27.48
N SER A 462 -10.95 -21.57 27.52
CA SER A 462 -11.33 -20.61 28.55
C SER A 462 -12.81 -20.81 28.84
N GLU A 463 -13.25 -20.35 30.00
CA GLU A 463 -14.66 -20.47 30.36
C GLU A 463 -15.49 -19.46 29.59
N PRO A 464 -16.45 -19.94 28.80
CA PRO A 464 -17.29 -19.03 28.03
C PRO A 464 -18.10 -18.16 29.00
N ILE A 465 -18.38 -16.93 28.59
CA ILE A 465 -19.13 -16.01 29.42
C ILE A 465 -20.58 -16.46 29.57
N LYS A 466 -21.02 -16.53 30.82
CA LYS A 466 -22.37 -16.98 31.14
C LYS A 466 -23.31 -15.81 31.43
N GLY A 467 -24.60 -16.10 31.44
CA GLY A 467 -25.59 -15.06 31.72
C GLY A 467 -26.45 -14.69 30.53
N ASP A 468 -27.59 -14.06 30.81
CA ASP A 468 -28.49 -13.68 29.73
C ASP A 468 -28.21 -12.26 29.23
N VAL A 469 -27.37 -11.53 29.96
CA VAL A 469 -27.01 -10.16 29.56
C VAL A 469 -25.49 -9.98 29.69
N LEU A 470 -24.86 -9.55 28.61
CA LEU A 470 -23.41 -9.32 28.64
C LEU A 470 -23.06 -8.09 29.44
N ASN A 471 -21.96 -8.19 30.18
CA ASN A 471 -21.44 -7.11 30.99
C ASN A 471 -20.13 -6.60 30.37
N TYR A 472 -20.05 -5.30 30.15
CA TYR A 472 -18.86 -4.70 29.53
C TYR A 472 -17.55 -5.01 30.23
N ASP A 473 -17.48 -4.82 31.55
CA ASP A 473 -16.24 -5.08 32.23
C ASP A 473 -15.78 -6.52 32.08
N GLU A 474 -16.71 -7.46 32.18
CA GLU A 474 -16.37 -8.88 32.04
C GLU A 474 -15.91 -9.20 30.63
N VAL A 475 -16.66 -8.76 29.63
CA VAL A 475 -16.30 -9.00 28.23
C VAL A 475 -14.94 -8.38 27.93
N MET A 476 -14.73 -7.14 28.35
CA MET A 476 -13.45 -6.48 28.07
C MET A 476 -12.27 -7.18 28.73
N GLU A 477 -12.48 -7.73 29.92
CA GLU A 477 -11.39 -8.42 30.59
C GLU A 477 -11.01 -9.68 29.82
N ARG A 478 -12.01 -10.41 29.32
CA ARG A 478 -11.74 -11.61 28.55
C ARG A 478 -11.15 -11.25 27.18
N MET A 479 -11.66 -10.18 26.59
CA MET A 479 -11.14 -9.72 25.30
C MET A 479 -9.67 -9.35 25.42
N ASP A 480 -9.30 -8.68 26.50
N ASP A 480 -9.32 -8.69 26.52
CA ASP A 480 -7.90 -8.30 26.71
CA ASP A 480 -7.94 -8.26 26.76
C ASP A 480 -7.08 -9.58 26.73
C ASP A 480 -6.97 -9.44 26.78
N HIS A 481 -7.60 -10.61 27.38
N HIS A 481 -7.36 -10.53 27.44
CA HIS A 481 -6.93 -11.90 27.48
CA HIS A 481 -6.51 -11.72 27.50
C HIS A 481 -6.68 -12.50 26.09
C HIS A 481 -6.40 -12.41 26.15
N PHE A 482 -7.72 -12.51 25.26
N PHE A 482 -7.50 -12.42 25.38
CA PHE A 482 -7.55 -13.06 23.92
CA PHE A 482 -7.46 -13.05 24.07
C PHE A 482 -6.73 -12.17 23.01
C PHE A 482 -6.61 -12.21 23.12
N MET A 483 -6.60 -10.89 23.35
CA MET A 483 -5.77 -10.00 22.52
C MET A 483 -4.29 -10.35 22.81
N ASP A 484 -3.99 -10.76 24.04
CA ASP A 484 -2.63 -11.17 24.38
C ASP A 484 -2.28 -12.39 23.54
N TRP A 485 -3.19 -13.35 23.49
CA TRP A 485 -2.98 -14.57 22.74
C TRP A 485 -2.84 -14.26 21.25
N LEU A 486 -3.73 -13.41 20.75
CA LEU A 486 -3.69 -13.02 19.33
C LEU A 486 -2.34 -12.39 18.97
N ALA A 487 -1.87 -11.48 19.80
CA ALA A 487 -0.59 -10.82 19.55
C ALA A 487 0.56 -11.82 19.45
N LYS A 488 0.59 -12.80 20.36
CA LYS A 488 1.66 -13.78 20.35
C LYS A 488 1.61 -14.68 19.11
N GLN A 489 0.42 -15.12 18.74
CA GLN A 489 0.31 -15.97 17.55
C GLN A 489 0.69 -15.16 16.31
N TYR A 490 0.25 -13.91 16.28
CA TYR A 490 0.50 -13.03 15.13
C TYR A 490 1.98 -12.75 14.95
N ILE A 491 2.63 -12.29 16.00
CA ILE A 491 4.06 -12.00 15.91
C ILE A 491 4.84 -13.29 15.60
N THR A 492 4.42 -14.43 16.16
CA THR A 492 5.12 -15.67 15.85
C THR A 492 5.00 -16.00 14.36
N ALA A 493 3.79 -15.88 13.80
CA ALA A 493 3.63 -16.15 12.36
C ALA A 493 4.50 -15.20 11.53
N LEU A 494 4.53 -13.92 11.91
CA LEU A 494 5.33 -12.94 11.16
C LEU A 494 6.83 -13.19 11.31
N ASN A 495 7.26 -13.64 12.48
CA ASN A 495 8.67 -13.95 12.66
C ASN A 495 9.09 -15.07 11.68
N ILE A 496 8.26 -16.09 11.55
CA ILE A 496 8.56 -17.18 10.63
C ILE A 496 8.55 -16.67 9.18
N ILE A 497 7.50 -15.92 8.83
CA ILE A 497 7.37 -15.41 7.47
C ILE A 497 8.56 -14.55 7.04
N HIS A 498 8.98 -13.63 7.90
CA HIS A 498 10.06 -12.76 7.46
C HIS A 498 11.44 -13.37 7.48
N TYR A 499 11.63 -14.37 8.33
CA TYR A 499 12.88 -15.12 8.31
C TYR A 499 12.93 -15.84 6.97
N MET A 500 11.83 -16.48 6.59
CA MET A 500 11.81 -17.23 5.33
C MET A 500 11.85 -16.37 4.09
N HIS A 501 11.29 -15.16 4.15
CA HIS A 501 11.28 -14.30 2.99
C HIS A 501 12.68 -13.73 2.76
N ASP A 502 13.39 -13.44 3.86
CA ASP A 502 14.78 -12.99 3.74
C ASP A 502 15.63 -14.13 3.17
N LYS A 503 15.31 -15.36 3.53
CA LYS A 503 16.10 -16.48 3.07
C LYS A 503 15.84 -16.90 1.63
N TYR A 504 14.56 -16.97 1.26
CA TYR A 504 14.17 -17.48 -0.04
C TYR A 504 13.69 -16.50 -1.09
N SER A 505 13.42 -15.26 -0.72
CA SER A 505 13.03 -14.27 -1.73
C SER A 505 13.51 -12.88 -1.30
N TYR A 506 14.80 -12.79 -1.00
CA TYR A 506 15.37 -11.51 -0.60
C TYR A 506 15.29 -10.55 -1.79
N GLU A 507 14.75 -9.35 -1.54
CA GLU A 507 14.52 -8.39 -2.63
C GLU A 507 15.77 -7.61 -3.00
N ALA A 508 16.74 -8.34 -3.54
CA ALA A 508 18.03 -7.75 -3.89
C ALA A 508 18.02 -6.48 -4.70
N SER A 509 17.21 -6.42 -5.76
CA SER A 509 17.24 -5.22 -6.59
C SER A 509 16.68 -3.99 -5.90
N LEU A 510 15.74 -4.17 -4.97
CA LEU A 510 15.17 -3.05 -4.23
C LEU A 510 16.12 -2.67 -3.10
N MET A 511 16.65 -3.66 -2.38
CA MET A 511 17.55 -3.37 -1.28
C MET A 511 18.85 -2.74 -1.76
N ALA A 512 19.21 -3.00 -3.03
CA ALA A 512 20.41 -2.41 -3.63
C ALA A 512 20.28 -0.89 -3.72
N LEU A 513 19.05 -0.39 -3.64
CA LEU A 513 18.76 1.02 -3.72
C LEU A 513 18.39 1.60 -2.36
N HIS A 514 18.98 1.01 -1.31
CA HIS A 514 18.85 1.49 0.06
C HIS A 514 20.27 1.61 0.64
N ASP A 515 20.36 2.32 1.76
CA ASP A 515 21.60 2.44 2.53
C ASP A 515 22.01 1.03 3.04
N ARG A 516 23.22 0.92 3.59
CA ARG A 516 23.70 -0.37 4.11
C ARG A 516 22.80 -0.93 5.21
N ASP A 517 22.42 -0.07 6.15
CA ASP A 517 21.60 -0.46 7.28
C ASP A 517 20.23 0.16 7.11
N VAL A 518 19.23 -0.70 7.00
CA VAL A 518 17.85 -0.26 6.81
C VAL A 518 17.05 -0.51 8.08
N ILE A 519 16.25 0.48 8.47
CA ILE A 519 15.38 0.36 9.65
C ILE A 519 14.19 -0.49 9.22
N ARG A 520 13.83 -1.49 10.01
CA ARG A 520 12.70 -2.35 9.69
C ARG A 520 11.67 -2.31 10.81
N THR A 521 10.40 -2.20 10.45
CA THR A 521 9.33 -2.27 11.43
C THR A 521 8.56 -3.55 11.11
N MET A 522 7.93 -4.14 12.12
CA MET A 522 7.12 -5.34 11.92
C MET A 522 5.69 -4.79 11.94
N ALA A 523 5.08 -4.66 10.77
CA ALA A 523 3.77 -4.04 10.64
C ALA A 523 2.57 -4.94 10.83
N CYS A 524 1.92 -4.78 11.97
CA CYS A 524 0.75 -5.58 12.37
C CYS A 524 -0.53 -4.81 12.15
N GLY A 525 -1.44 -5.36 11.36
CA GLY A 525 -2.66 -4.64 11.12
C GLY A 525 -3.85 -5.20 11.88
N ILE A 526 -4.86 -4.36 12.11
N ILE A 526 -4.85 -4.35 12.07
CA ILE A 526 -6.06 -4.85 12.78
CA ILE A 526 -6.08 -4.71 12.76
C ILE A 526 -7.27 -4.53 11.90
C ILE A 526 -7.28 -4.51 11.85
N ALA A 527 -8.10 -5.55 11.72
CA ALA A 527 -9.32 -5.49 10.91
C ALA A 527 -10.53 -5.59 11.83
N GLY A 528 -11.61 -4.90 11.46
CA GLY A 528 -12.82 -4.93 12.25
C GLY A 528 -12.84 -4.01 13.46
N LEU A 529 -12.04 -2.95 13.44
CA LEU A 529 -12.00 -2.04 14.58
C LEU A 529 -13.39 -1.48 14.93
N SER A 530 -14.12 -0.98 13.95
CA SER A 530 -15.43 -0.40 14.28
C SER A 530 -16.45 -1.46 14.69
N VAL A 531 -16.30 -2.69 14.19
CA VAL A 531 -17.21 -3.76 14.60
C VAL A 531 -16.94 -4.06 16.09
N ALA A 532 -15.67 -4.11 16.47
CA ALA A 532 -15.30 -4.38 17.86
C ALA A 532 -15.71 -3.23 18.77
N ALA A 533 -15.45 -2.00 18.35
CA ALA A 533 -15.79 -0.83 19.17
C ALA A 533 -17.30 -0.73 19.34
N ASP A 534 -18.04 -0.91 18.25
CA ASP A 534 -19.50 -0.83 18.34
C ASP A 534 -20.07 -1.98 19.15
N SER A 535 -19.42 -3.13 19.12
CA SER A 535 -19.89 -4.28 19.88
C SER A 535 -19.72 -3.98 21.36
N LEU A 536 -18.57 -3.41 21.72
CA LEU A 536 -18.33 -3.05 23.11
C LEU A 536 -19.31 -1.97 23.54
N SER A 537 -19.60 -1.03 22.64
CA SER A 537 -20.53 0.06 22.94
C SER A 537 -21.94 -0.48 23.19
N ALA A 538 -22.39 -1.40 22.35
CA ALA A 538 -23.73 -1.99 22.53
C ALA A 538 -23.80 -2.69 23.88
N ILE A 539 -22.74 -3.42 24.23
CA ILE A 539 -22.69 -4.15 25.50
C ILE A 539 -22.69 -3.20 26.69
N LYS A 540 -21.93 -2.12 26.56
CA LYS A 540 -21.80 -1.13 27.62
C LYS A 540 -23.01 -0.21 27.83
N TYR A 541 -23.60 0.25 26.73
CA TYR A 541 -24.71 1.18 26.80
C TYR A 541 -26.12 0.67 26.52
N ALA A 542 -26.24 -0.55 26.02
CA ALA A 542 -27.55 -1.12 25.77
C ALA A 542 -27.57 -2.45 26.51
N LYS A 543 -28.57 -3.28 26.23
CA LYS A 543 -28.67 -4.57 26.87
C LYS A 543 -28.53 -5.62 25.79
N VAL A 544 -27.40 -6.30 25.77
CA VAL A 544 -27.13 -7.32 24.78
C VAL A 544 -27.28 -8.71 25.35
N LYS A 545 -28.21 -9.47 24.77
CA LYS A 545 -28.50 -10.81 25.22
C LYS A 545 -28.00 -11.86 24.24
N PRO A 546 -27.08 -12.73 24.68
CA PRO A 546 -26.55 -13.76 23.80
C PRO A 546 -27.62 -14.80 23.47
N ILE A 547 -27.60 -15.30 22.24
CA ILE A 547 -28.51 -16.35 21.80
C ILE A 547 -27.55 -17.51 21.64
N ARG A 548 -27.70 -18.53 22.48
CA ARG A 548 -26.80 -19.66 22.47
C ARG A 548 -27.37 -20.94 21.87
N ASP A 549 -26.50 -21.79 21.32
CA ASP A 549 -26.95 -23.05 20.76
C ASP A 549 -26.90 -24.12 21.86
N GLU A 550 -27.24 -25.36 21.49
CA GLU A 550 -27.25 -26.46 22.45
C GLU A 550 -25.93 -26.74 23.14
N ASP A 551 -24.88 -26.00 22.78
CA ASP A 551 -23.58 -26.20 23.39
C ASP A 551 -23.13 -25.01 24.24
N GLY A 552 -23.98 -23.98 24.31
CA GLY A 552 -23.65 -22.81 25.09
C GLY A 552 -22.90 -21.77 24.26
N LEU A 553 -22.74 -22.05 22.98
CA LEU A 553 -22.03 -21.15 22.08
C LEU A 553 -22.92 -19.98 21.67
N ALA A 554 -22.42 -18.76 21.84
CA ALA A 554 -23.17 -17.57 21.47
C ALA A 554 -23.10 -17.38 19.96
N ILE A 555 -24.17 -17.74 19.27
CA ILE A 555 -24.20 -17.65 17.83
C ILE A 555 -25.00 -16.48 17.28
N ASP A 556 -25.64 -15.72 18.16
CA ASP A 556 -26.39 -14.53 17.76
C ASP A 556 -26.58 -13.66 19.00
N PHE A 557 -27.10 -12.46 18.78
CA PHE A 557 -27.35 -11.54 19.89
C PHE A 557 -28.59 -10.72 19.65
N GLU A 558 -29.28 -10.38 20.73
CA GLU A 558 -30.44 -9.52 20.61
C GLU A 558 -30.09 -8.30 21.45
N ILE A 559 -30.30 -7.12 20.87
CA ILE A 559 -29.97 -5.87 21.53
C ILE A 559 -31.21 -5.06 21.87
N GLU A 560 -31.33 -4.71 23.14
CA GLU A 560 -32.46 -3.91 23.61
C GLU A 560 -31.90 -2.53 23.93
N GLY A 561 -32.39 -1.52 23.22
CA GLY A 561 -31.92 -0.18 23.45
C GLY A 561 -30.95 0.30 22.39
N GLU A 562 -30.84 1.61 22.24
CA GLU A 562 -29.93 2.20 21.26
C GLU A 562 -28.56 2.35 21.91
N TYR A 563 -27.51 2.42 21.10
CA TYR A 563 -26.16 2.59 21.62
C TYR A 563 -25.37 3.42 20.63
N PRO A 564 -24.36 4.17 21.11
CA PRO A 564 -23.57 4.99 20.20
C PRO A 564 -22.66 4.19 19.28
N GLN A 565 -22.65 4.58 18.01
CA GLN A 565 -21.84 3.90 17.01
C GLN A 565 -20.70 4.79 16.53
N PHE A 566 -19.55 4.16 16.28
CA PHE A 566 -18.37 4.89 15.84
C PHE A 566 -18.63 5.68 14.55
N GLY A 567 -18.09 6.91 14.50
CA GLY A 567 -18.25 7.74 13.32
C GLY A 567 -19.27 8.87 13.43
N ASN A 568 -19.76 9.12 14.65
CA ASN A 568 -20.77 10.16 14.88
C ASN A 568 -20.31 11.17 15.91
N ASN A 569 -19.00 11.20 16.13
CA ASN A 569 -18.37 12.07 17.11
C ASN A 569 -19.00 11.96 18.48
N ASP A 570 -19.23 10.72 18.93
CA ASP A 570 -19.76 10.47 20.26
C ASP A 570 -18.60 9.82 21.03
N PRO A 571 -17.98 10.56 21.96
CA PRO A 571 -16.86 10.02 22.73
C PRO A 571 -17.13 8.69 23.45
N ARG A 572 -18.38 8.42 23.77
CA ARG A 572 -18.70 7.18 24.47
C ARG A 572 -18.22 5.95 23.70
N VAL A 573 -18.36 5.97 22.38
CA VAL A 573 -17.91 4.84 21.60
C VAL A 573 -16.54 5.12 20.97
N ASP A 574 -16.29 6.39 20.60
CA ASP A 574 -15.00 6.71 19.98
C ASP A 574 -13.84 6.40 20.95
N ASP A 575 -14.05 6.62 22.24
CA ASP A 575 -13.03 6.34 23.25
C ASP A 575 -12.74 4.84 23.32
N LEU A 576 -13.75 4.03 23.04
CA LEU A 576 -13.58 2.57 23.05
C LEU A 576 -12.70 2.18 21.86
N ALA A 577 -12.91 2.82 20.72
CA ALA A 577 -12.09 2.51 19.55
C ALA A 577 -10.63 2.92 19.78
N VAL A 578 -10.44 4.11 20.37
CA VAL A 578 -9.09 4.59 20.67
C VAL A 578 -8.42 3.62 21.63
N ASP A 579 -9.15 3.17 22.64
CA ASP A 579 -8.60 2.24 23.60
C ASP A 579 -8.15 0.92 22.97
N LEU A 580 -8.94 0.39 22.04
CA LEU A 580 -8.56 -0.88 21.41
C LEU A 580 -7.25 -0.72 20.64
N VAL A 581 -7.09 0.41 19.96
CA VAL A 581 -5.86 0.66 19.21
C VAL A 581 -4.67 0.70 20.17
N GLU A 582 -4.79 1.47 21.25
CA GLU A 582 -3.70 1.57 22.23
C GLU A 582 -3.39 0.21 22.84
N ARG A 583 -4.44 -0.51 23.21
CA ARG A 583 -4.30 -1.81 23.84
C ARG A 583 -3.55 -2.82 22.99
N PHE A 584 -3.89 -2.93 21.72
CA PHE A 584 -3.19 -3.91 20.92
C PHE A 584 -1.75 -3.50 20.68
N MET A 585 -1.50 -2.20 20.51
CA MET A 585 -0.14 -1.74 20.28
C MET A 585 0.74 -2.10 21.45
N LYS A 586 0.24 -1.91 22.67
CA LYS A 586 1.03 -2.22 23.85
C LYS A 586 1.35 -3.69 23.97
N LYS A 587 0.47 -4.55 23.47
CA LYS A 587 0.70 -5.98 23.56
C LYS A 587 1.75 -6.46 22.55
N ILE A 588 1.69 -5.99 21.31
CA ILE A 588 2.70 -6.44 20.35
C ILE A 588 4.07 -5.85 20.67
N GLN A 589 4.09 -4.70 21.33
CA GLN A 589 5.33 -4.04 21.70
C GLN A 589 6.21 -4.88 22.64
N LYS A 590 5.59 -5.78 23.40
CA LYS A 590 6.32 -6.59 24.37
C LYS A 590 7.02 -7.82 23.78
N LEU A 591 6.70 -8.12 22.53
CA LEU A 591 7.22 -9.34 21.93
C LEU A 591 8.50 -9.26 21.08
N HIS A 592 9.29 -10.32 21.18
CA HIS A 592 10.55 -10.41 20.41
C HIS A 592 10.22 -10.60 18.94
N THR A 593 10.98 -9.93 18.08
CA THR A 593 10.77 -10.01 16.64
C THR A 593 12.02 -10.36 15.87
N TYR A 594 11.80 -10.95 14.72
CA TYR A 594 12.87 -11.32 13.81
C TYR A 594 13.61 -10.06 13.38
N ARG A 595 14.94 -10.13 13.44
CA ARG A 595 15.81 -9.03 13.05
C ARG A 595 15.56 -7.76 13.85
N ASP A 596 14.94 -7.95 15.01
CA ASP A 596 14.61 -6.85 15.92
C ASP A 596 13.82 -5.73 15.25
N ALA A 597 12.98 -6.12 14.29
CA ALA A 597 12.13 -5.17 13.59
C ALA A 597 11.15 -4.64 14.63
N ILE A 598 11.05 -3.32 14.69
CA ILE A 598 10.20 -2.61 15.64
C ILE A 598 8.71 -2.82 15.37
N PRO A 599 7.96 -3.38 16.32
CA PRO A 599 6.53 -3.56 16.02
C PRO A 599 5.77 -2.24 15.86
N THR A 600 4.93 -2.19 14.83
CA THR A 600 4.06 -1.04 14.59
C THR A 600 2.70 -1.60 14.25
N GLN A 601 1.70 -0.73 14.23
CA GLN A 601 0.34 -1.14 13.94
C GLN A 601 -0.32 -0.27 12.90
N SER A 602 -1.19 -0.89 12.10
CA SER A 602 -2.00 -0.12 11.16
C SER A 602 -3.46 -0.54 11.33
N VAL A 603 -4.36 0.39 11.09
CA VAL A 603 -5.80 0.10 11.12
C VAL A 603 -6.10 0.14 9.62
N LEU A 604 -6.02 -1.04 9.01
CA LEU A 604 -6.06 -1.18 7.56
C LEU A 604 -6.50 -2.59 7.22
N THR A 605 -7.33 -2.74 6.21
CA THR A 605 -7.83 -4.08 5.87
C THR A 605 -7.70 -4.55 4.43
N ILE A 606 -7.63 -3.61 3.49
CA ILE A 606 -7.75 -3.93 2.07
C ILE A 606 -9.05 -4.77 2.03
N THR A 607 -9.11 -5.85 1.27
CA THR A 607 -10.38 -6.56 1.17
C THR A 607 -10.58 -7.61 2.25
N SER A 608 -9.72 -7.61 3.26
CA SER A 608 -9.91 -8.54 4.37
C SER A 608 -11.19 -8.15 5.12
N ASN A 609 -11.72 -6.95 4.86
CA ASN A 609 -12.96 -6.58 5.54
C ASN A 609 -14.06 -7.54 5.03
N VAL A 610 -13.97 -7.91 3.75
CA VAL A 610 -14.95 -8.83 3.18
C VAL A 610 -14.60 -10.27 3.57
N VAL A 611 -13.33 -10.65 3.44
CA VAL A 611 -12.94 -12.02 3.76
C VAL A 611 -13.16 -12.35 5.23
N TYR A 612 -12.68 -11.51 6.13
CA TYR A 612 -12.90 -11.77 7.56
C TYR A 612 -14.40 -11.69 7.87
N GLY A 613 -15.10 -10.73 7.26
CA GLY A 613 -16.53 -10.61 7.50
C GLY A 613 -17.25 -11.89 7.11
N LYS A 614 -16.85 -12.52 6.01
CA LYS A 614 -17.49 -13.76 5.57
C LYS A 614 -17.26 -14.89 6.56
N LYS A 615 -16.10 -14.87 7.21
CA LYS A 615 -15.75 -15.91 8.17
C LYS A 615 -16.12 -15.60 9.61
N THR A 616 -16.81 -14.48 9.84
CA THR A 616 -17.16 -14.09 11.20
C THR A 616 -18.68 -14.12 11.40
N GLY A 617 -19.11 -14.72 12.50
CA GLY A 617 -20.54 -14.82 12.73
C GLY A 617 -21.16 -13.53 13.25
N ASN A 618 -22.40 -13.62 13.73
CA ASN A 618 -23.11 -12.47 14.27
C ASN A 618 -22.31 -11.86 15.43
N THR A 619 -22.22 -10.53 15.44
CA THR A 619 -21.48 -9.84 16.49
C THR A 619 -22.42 -9.01 17.38
N PRO A 620 -21.98 -8.67 18.60
CA PRO A 620 -22.79 -7.88 19.55
C PRO A 620 -23.32 -6.53 19.09
N ASP A 621 -22.68 -5.94 18.09
CA ASP A 621 -23.10 -4.65 17.58
C ASP A 621 -24.34 -4.78 16.70
N GLY A 622 -24.68 -6.01 16.32
CA GLY A 622 -25.83 -6.22 15.47
C GLY A 622 -25.47 -6.63 14.06
N ARG A 623 -24.18 -6.57 13.71
CA ARG A 623 -23.76 -6.96 12.37
C ARG A 623 -24.10 -8.43 12.16
N ARG A 624 -24.62 -8.79 10.99
CA ARG A 624 -25.00 -10.17 10.72
C ARG A 624 -23.83 -11.03 10.24
N ALA A 625 -23.91 -12.32 10.55
CA ALA A 625 -22.90 -13.28 10.14
C ALA A 625 -22.65 -13.16 8.64
N GLY A 626 -21.38 -13.21 8.26
CA GLY A 626 -20.97 -13.12 6.87
C GLY A 626 -20.86 -11.73 6.27
N ALA A 627 -21.38 -10.71 6.94
CA ALA A 627 -21.34 -9.36 6.41
C ALA A 627 -19.95 -8.73 6.50
N PRO A 628 -19.59 -7.92 5.51
CA PRO A 628 -18.26 -7.28 5.53
C PRO A 628 -18.08 -6.35 6.71
N PHE A 629 -16.83 -6.21 7.15
CA PHE A 629 -16.54 -5.21 8.18
C PHE A 629 -16.36 -3.91 7.39
N GLY A 630 -16.12 -2.80 8.06
CA GLY A 630 -15.88 -1.59 7.31
C GLY A 630 -14.46 -1.64 6.76
N PRO A 631 -14.14 -0.86 5.72
CA PRO A 631 -12.77 -0.91 5.22
C PRO A 631 -11.89 -0.14 6.21
N GLY A 632 -10.69 -0.64 6.45
CA GLY A 632 -9.77 0.05 7.34
C GLY A 632 -10.34 0.49 8.69
N ALA A 633 -10.22 1.78 8.98
CA ALA A 633 -10.70 2.36 10.23
C ALA A 633 -12.10 2.94 10.08
N ASN A 634 -12.78 2.62 8.99
CA ASN A 634 -14.12 3.18 8.77
C ASN A 634 -15.20 2.73 9.71
N PRO A 635 -16.19 3.61 9.93
CA PRO A 635 -17.34 3.29 10.77
C PRO A 635 -17.96 2.14 9.95
N MET A 636 -18.74 1.27 10.59
CA MET A 636 -19.42 0.21 9.86
C MET A 636 -20.41 0.84 8.87
N HIS A 637 -20.66 0.12 7.77
CA HIS A 637 -21.53 0.59 6.70
C HIS A 637 -22.79 1.31 7.16
N GLY A 638 -22.91 2.57 6.75
CA GLY A 638 -24.07 3.37 7.07
C GLY A 638 -24.28 3.82 8.50
N ARG A 639 -23.36 3.49 9.41
CA ARG A 639 -23.55 3.90 10.82
C ARG A 639 -23.15 5.35 11.10
N ASP A 640 -22.27 5.93 10.30
CA ASP A 640 -21.90 7.33 10.49
C ASP A 640 -23.02 8.12 9.79
N GLN A 641 -23.94 8.63 10.60
CA GLN A 641 -25.13 9.31 10.09
C GLN A 641 -25.27 10.77 10.44
N LYS A 642 -24.23 11.35 11.02
CA LYS A 642 -24.30 12.75 11.41
C LYS A 642 -23.56 13.72 10.50
N GLY A 643 -23.08 13.24 9.36
CA GLY A 643 -22.40 14.14 8.45
C GLY A 643 -20.89 14.00 8.40
N ALA A 644 -20.30 14.69 7.44
CA ALA A 644 -18.85 14.64 7.22
C ALA A 644 -17.98 15.10 8.38
N VAL A 645 -18.29 16.26 8.95
CA VAL A 645 -17.46 16.75 10.03
C VAL A 645 -17.45 15.76 11.19
N ALA A 646 -18.61 15.20 11.51
CA ALA A 646 -18.70 14.25 12.62
C ALA A 646 -17.89 12.96 12.37
N SER A 647 -17.99 12.39 11.17
CA SER A 647 -17.24 11.16 10.92
C SER A 647 -15.73 11.44 10.82
N LEU A 648 -15.36 12.54 10.18
CA LEU A 648 -13.94 12.92 10.08
C LEU A 648 -13.37 13.13 11.49
N THR A 649 -14.18 13.69 12.38
CA THR A 649 -13.75 13.92 13.76
C THR A 649 -13.51 12.61 14.52
N SER A 650 -14.43 11.66 14.38
CA SER A 650 -14.28 10.37 15.02
C SER A 650 -12.99 9.67 14.57
N VAL A 651 -12.76 9.67 13.27
CA VAL A 651 -11.59 8.99 12.73
C VAL A 651 -10.29 9.69 13.10
N ALA A 652 -10.29 11.01 13.09
CA ALA A 652 -9.10 11.78 13.45
C ALA A 652 -8.69 11.50 14.90
N LYS A 653 -9.64 11.07 15.73
CA LYS A 653 -9.32 10.76 17.13
C LYS A 653 -8.47 9.50 17.27
N LEU A 654 -8.53 8.58 16.30
CA LEU A 654 -7.72 7.37 16.39
C LEU A 654 -6.25 7.84 16.44
N PRO A 655 -5.47 7.30 17.39
CA PRO A 655 -4.08 7.70 17.56
C PRO A 655 -2.97 7.15 16.68
N PHE A 656 -2.43 8.01 15.84
CA PHE A 656 -1.32 7.63 14.97
C PHE A 656 -0.17 7.25 15.91
N ALA A 657 -0.15 7.84 17.11
CA ALA A 657 0.91 7.54 18.08
C ALA A 657 1.00 6.06 18.38
N TYR A 658 -0.11 5.34 18.24
CA TYR A 658 -0.14 3.92 18.50
C TYR A 658 -0.44 3.11 17.25
N ALA A 659 -0.40 3.75 16.09
CA ALA A 659 -0.67 3.06 14.82
C ALA A 659 0.20 3.73 13.76
N LYS A 660 1.50 3.64 13.98
CA LYS A 660 2.46 4.27 13.10
C LYS A 660 2.53 3.70 11.69
N ASP A 661 1.89 2.55 11.48
CA ASP A 661 1.88 1.94 10.15
C ASP A 661 0.72 2.53 9.33
N GLY A 662 -0.09 3.38 9.95
CA GLY A 662 -1.17 4.06 9.23
C GLY A 662 -2.60 3.75 9.65
N ILE A 663 -3.51 4.70 9.39
CA ILE A 663 -4.94 4.56 9.77
C ILE A 663 -5.77 4.95 8.54
N SER A 664 -6.35 3.97 7.87
CA SER A 664 -7.11 4.22 6.62
C SER A 664 -8.56 4.60 6.76
N TYR A 665 -8.96 5.69 6.10
CA TYR A 665 -10.35 6.14 6.12
C TYR A 665 -10.83 6.43 4.70
N THR A 666 -11.90 5.77 4.30
CA THR A 666 -12.49 5.94 2.97
C THR A 666 -13.75 6.78 3.08
N PHE A 667 -13.65 7.99 2.56
CA PHE A 667 -14.71 8.99 2.63
C PHE A 667 -15.33 9.25 1.28
N SER A 668 -16.64 9.03 1.18
CA SER A 668 -17.34 9.26 -0.07
C SER A 668 -18.43 10.29 0.19
N ILE A 669 -18.42 11.37 -0.58
CA ILE A 669 -19.44 12.40 -0.39
C ILE A 669 -20.15 12.70 -1.71
N VAL A 670 -21.46 12.88 -1.65
CA VAL A 670 -22.22 13.17 -2.86
C VAL A 670 -21.91 14.61 -3.27
N PRO A 671 -21.79 14.85 -4.57
CA PRO A 671 -21.47 16.18 -5.10
C PRO A 671 -22.23 17.35 -4.50
N ASN A 672 -23.56 17.25 -4.41
CA ASN A 672 -24.32 18.38 -3.89
C ASN A 672 -24.21 18.59 -2.40
N ALA A 673 -23.73 17.59 -1.67
CA ALA A 673 -23.54 17.73 -0.23
C ALA A 673 -22.22 18.46 -0.04
N LEU A 674 -21.29 18.24 -0.97
CA LEU A 674 -20.00 18.87 -0.89
C LEU A 674 -20.05 20.36 -1.24
N GLY A 675 -20.97 20.74 -2.13
CA GLY A 675 -21.08 22.13 -2.53
C GLY A 675 -22.09 22.36 -3.65
N LYS A 676 -22.54 23.60 -3.78
CA LYS A 676 -23.54 23.95 -4.80
C LYS A 676 -23.03 23.95 -6.23
N ASP A 677 -21.75 24.28 -6.41
CA ASP A 677 -21.14 24.31 -7.73
C ASP A 677 -19.66 23.93 -7.63
N ASP A 678 -18.99 23.85 -8.77
CA ASP A 678 -17.59 23.45 -8.82
C ASP A 678 -16.61 24.22 -7.93
N GLU A 679 -16.62 25.55 -8.03
CA GLU A 679 -15.71 26.37 -7.22
C GLU A 679 -15.96 26.19 -5.73
N VAL A 680 -17.22 26.17 -5.34
CA VAL A 680 -17.55 26.00 -3.92
C VAL A 680 -17.13 24.61 -3.45
N ARG A 681 -17.31 23.60 -4.31
CA ARG A 681 -16.92 22.25 -3.95
C ARG A 681 -15.43 22.15 -3.69
N LYS A 682 -14.63 22.78 -4.55
CA LYS A 682 -13.17 22.77 -4.38
C LYS A 682 -12.79 23.42 -3.06
N THR A 683 -13.35 24.59 -2.81
CA THR A 683 -13.07 25.32 -1.58
C THR A 683 -13.49 24.52 -0.35
N ASN A 684 -14.69 23.93 -0.40
CA ASN A 684 -15.20 23.16 0.73
C ASN A 684 -14.42 21.88 0.97
N LEU A 685 -14.01 21.20 -0.09
CA LEU A 685 -13.25 19.97 0.09
C LEU A 685 -11.89 20.32 0.70
N ALA A 686 -11.24 21.36 0.19
CA ALA A 686 -9.95 21.75 0.75
C ALA A 686 -10.14 22.14 2.22
N GLY A 687 -11.25 22.80 2.52
CA GLY A 687 -11.55 23.19 3.89
C GLY A 687 -11.77 22.01 4.80
N LEU A 688 -12.51 21.00 4.33
CA LEU A 688 -12.75 19.80 5.12
C LEU A 688 -11.43 19.10 5.42
N MET A 689 -10.55 19.03 4.43
CA MET A 689 -9.27 18.35 4.64
C MET A 689 -8.37 19.16 5.56
N ASP A 690 -8.40 20.49 5.43
CA ASP A 690 -7.59 21.30 6.33
C ASP A 690 -8.03 21.03 7.77
N GLY A 691 -9.34 20.94 8.00
CA GLY A 691 -9.81 20.68 9.35
C GLY A 691 -9.46 19.28 9.86
N TYR A 692 -9.61 18.29 8.99
CA TYR A 692 -9.34 16.90 9.36
C TYR A 692 -7.87 16.70 9.69
N PHE A 693 -7.01 17.26 8.85
CA PHE A 693 -5.58 17.12 9.03
C PHE A 693 -4.96 18.15 9.96
N HIS A 694 -5.76 19.11 10.44
CA HIS A 694 -5.21 20.15 11.30
C HIS A 694 -4.38 19.52 12.42
N HIS A 695 -3.16 20.03 12.58
CA HIS A 695 -2.23 19.50 13.57
C HIS A 695 -1.58 20.61 14.40
N GLU A 696 -1.55 20.41 15.72
CA GLU A 696 -0.85 21.36 16.58
C GLU A 696 -0.35 20.53 17.74
N ALA A 697 0.36 21.15 18.68
CA ALA A 697 0.91 20.35 19.77
C ALA A 697 -0.10 19.45 20.46
N SER A 698 -1.32 19.97 20.67
CA SER A 698 -2.36 19.22 21.36
C SER A 698 -3.36 18.47 20.48
N ILE A 699 -3.21 18.58 19.15
CA ILE A 699 -4.14 17.94 18.23
C ILE A 699 -3.34 17.20 17.14
N GLU A 700 -3.44 15.88 17.15
CA GLU A 700 -2.70 15.06 16.18
C GLU A 700 -3.22 15.23 14.75
N GLY A 701 -4.53 15.15 14.61
CA GLY A 701 -5.15 15.25 13.30
C GLY A 701 -5.28 13.86 12.70
N GLY A 702 -6.05 13.75 11.62
CA GLY A 702 -6.19 12.47 10.95
C GLY A 702 -4.92 12.19 10.18
N GLN A 703 -4.70 10.93 9.79
CA GLN A 703 -3.48 10.59 9.08
C GLN A 703 -3.70 10.37 7.58
N HIS A 704 -4.86 9.84 7.22
CA HIS A 704 -5.17 9.51 5.82
C HIS A 704 -6.62 9.72 5.45
N LEU A 705 -6.83 10.08 4.18
CA LEU A 705 -8.18 10.26 3.67
C LEU A 705 -8.30 9.88 2.19
N ASN A 706 -9.11 8.86 1.88
CA ASN A 706 -9.42 8.52 0.50
C ASN A 706 -10.62 9.44 0.22
N VAL A 707 -10.67 10.08 -0.95
CA VAL A 707 -11.83 10.90 -1.26
C VAL A 707 -12.56 10.51 -2.54
N ASN A 708 -13.82 10.09 -2.37
CA ASN A 708 -14.66 9.80 -3.53
C ASN A 708 -15.72 10.88 -3.57
N VAL A 709 -15.96 11.45 -4.75
CA VAL A 709 -17.02 12.45 -4.91
C VAL A 709 -17.94 11.85 -5.98
N MET A 710 -18.99 11.18 -5.52
CA MET A 710 -19.91 10.54 -6.44
C MET A 710 -21.29 10.30 -5.86
N ASN A 711 -22.22 10.06 -6.77
CA ASN A 711 -23.60 9.75 -6.43
C ASN A 711 -23.71 8.23 -6.53
N ARG A 712 -24.36 7.61 -5.56
CA ARG A 712 -24.53 6.17 -5.54
C ARG A 712 -25.28 5.70 -6.79
N GLU A 713 -26.19 6.54 -7.27
CA GLU A 713 -26.99 6.22 -8.46
C GLU A 713 -26.09 5.94 -9.66
N MET A 714 -24.96 6.64 -9.74
CA MET A 714 -24.04 6.43 -10.84
C MET A 714 -23.36 5.07 -10.74
N LEU A 715 -22.99 4.65 -9.54
CA LEU A 715 -22.36 3.34 -9.37
C LEU A 715 -23.34 2.24 -9.72
N LEU A 716 -24.61 2.43 -9.37
CA LEU A 716 -25.60 1.42 -9.70
C LEU A 716 -25.71 1.31 -11.22
N ASP A 717 -25.62 2.43 -11.92
CA ASP A 717 -25.69 2.40 -13.37
C ASP A 717 -24.47 1.62 -13.92
N ALA A 718 -23.31 1.83 -13.30
CA ALA A 718 -22.10 1.13 -13.74
C ALA A 718 -22.17 -0.38 -13.47
N MET A 719 -22.87 -0.76 -12.41
CA MET A 719 -23.00 -2.19 -12.09
C MET A 719 -23.84 -2.86 -13.17
N GLU A 720 -24.83 -2.14 -13.69
CA GLU A 720 -25.71 -2.67 -14.73
C GLU A 720 -25.15 -2.55 -16.14
N ASN A 721 -24.38 -1.49 -16.39
CA ASN A 721 -23.81 -1.24 -17.71
C ASN A 721 -22.33 -0.93 -17.63
N PRO A 722 -21.52 -1.94 -17.30
CA PRO A 722 -20.08 -1.70 -17.19
C PRO A 722 -19.38 -1.13 -18.43
N GLU A 723 -19.89 -1.45 -19.61
CA GLU A 723 -19.27 -0.96 -20.84
C GLU A 723 -19.28 0.56 -20.96
N LYS A 724 -20.17 1.21 -20.21
CA LYS A 724 -20.31 2.66 -20.24
C LYS A 724 -19.28 3.35 -19.34
N TYR A 725 -18.62 2.58 -18.48
CA TYR A 725 -17.67 3.15 -17.53
C TYR A 725 -16.34 2.42 -17.50
N PRO A 726 -15.66 2.29 -18.65
CA PRO A 726 -14.38 1.57 -18.68
C PRO A 726 -13.26 2.06 -17.79
N GLN A 727 -13.20 3.37 -17.54
CA GLN A 727 -12.15 3.92 -16.69
C GLN A 727 -12.63 4.40 -15.33
N LEU A 728 -13.91 4.18 -15.01
CA LEU A 728 -14.44 4.60 -13.71
C LEU A 728 -13.59 4.03 -12.58
N THR A 729 -13.03 4.92 -11.78
CA THR A 729 -12.13 4.56 -10.69
C THR A 729 -12.73 5.02 -9.36
N ILE A 730 -12.54 4.23 -8.30
CA ILE A 730 -13.08 4.57 -6.98
C ILE A 730 -12.07 4.18 -5.90
N ARG A 731 -11.99 4.98 -4.83
CA ARG A 731 -11.09 4.70 -3.72
C ARG A 731 -11.81 3.70 -2.84
N VAL A 732 -11.11 2.66 -2.38
CA VAL A 732 -11.77 1.62 -1.59
C VAL A 732 -11.17 1.15 -0.27
N SER A 733 -9.94 1.54 0.06
CA SER A 733 -9.37 1.05 1.33
C SER A 733 -8.01 1.65 1.62
N GLY A 734 -7.54 2.51 0.72
CA GLY A 734 -6.22 3.11 0.86
C GLY A 734 -5.53 3.06 -0.49
N TYR A 735 -6.33 2.68 -1.48
CA TYR A 735 -5.90 2.56 -2.86
C TYR A 735 -7.18 2.65 -3.70
N ALA A 736 -7.01 2.66 -5.02
CA ALA A 736 -8.15 2.76 -5.90
C ALA A 736 -8.26 1.52 -6.77
N VAL A 737 -9.44 1.33 -7.35
CA VAL A 737 -9.66 0.23 -8.29
C VAL A 737 -10.58 0.74 -9.40
N ARG A 738 -10.50 0.11 -10.57
CA ARG A 738 -11.49 0.43 -11.61
C ARG A 738 -12.71 -0.33 -11.05
N PHE A 739 -13.86 0.34 -11.02
CA PHE A 739 -15.04 -0.29 -10.47
C PHE A 739 -15.35 -1.63 -11.19
N ASN A 740 -15.13 -1.68 -12.50
CA ASN A 740 -15.41 -2.90 -13.27
C ASN A 740 -14.46 -4.06 -12.98
N SER A 741 -13.37 -3.80 -12.25
CA SER A 741 -12.40 -4.85 -11.93
C SER A 741 -12.81 -5.70 -10.72
N LEU A 742 -13.85 -5.26 -10.02
CA LEU A 742 -14.31 -5.97 -8.83
C LEU A 742 -15.32 -7.08 -9.12
N THR A 743 -15.38 -8.06 -8.24
CA THR A 743 -16.38 -9.12 -8.40
C THR A 743 -17.69 -8.49 -7.94
N LYS A 744 -18.80 -9.14 -8.23
CA LYS A 744 -20.10 -8.61 -7.84
C LYS A 744 -20.18 -8.48 -6.30
N GLU A 745 -19.68 -9.46 -5.58
CA GLU A 745 -19.69 -9.43 -4.11
C GLU A 745 -18.90 -8.22 -3.61
N GLN A 746 -17.77 -7.94 -4.25
CA GLN A 746 -16.96 -6.81 -3.82
C GLN A 746 -17.66 -5.50 -4.16
N GLN A 747 -18.39 -5.48 -5.27
CA GLN A 747 -19.12 -4.27 -5.62
C GLN A 747 -20.26 -4.05 -4.63
N GLN A 748 -20.87 -5.14 -4.15
CA GLN A 748 -21.97 -4.99 -3.20
C GLN A 748 -21.47 -4.39 -1.88
N ASP A 749 -20.24 -4.72 -1.50
CA ASP A 749 -19.63 -4.14 -0.30
C ASP A 749 -19.52 -2.64 -0.56
N VAL A 750 -18.87 -2.28 -1.65
CA VAL A 750 -18.67 -0.87 -1.98
C VAL A 750 -19.96 -0.03 -2.07
N ILE A 751 -20.98 -0.56 -2.73
CA ILE A 751 -22.20 0.21 -2.90
C ILE A 751 -23.06 0.34 -1.63
N THR A 752 -22.77 -0.47 -0.62
CA THR A 752 -23.55 -0.36 0.62
C THR A 752 -22.82 0.42 1.69
N ARG A 753 -21.65 0.98 1.34
CA ARG A 753 -20.88 1.81 2.27
C ARG A 753 -21.56 3.15 2.41
N THR A 754 -21.06 3.97 3.32
CA THR A 754 -21.65 5.28 3.53
C THR A 754 -21.36 6.30 2.44
N PHE A 755 -22.41 6.91 1.91
CA PHE A 755 -22.25 7.98 0.94
C PHE A 755 -22.72 9.16 1.78
N THR A 756 -21.77 9.96 2.22
CA THR A 756 -22.05 11.11 3.07
C THR A 756 -22.95 12.10 2.36
N GLN A 757 -24.05 12.47 3.04
CA GLN A 757 -25.06 13.35 2.48
C GLN A 757 -25.10 14.75 3.03
N SER A 758 -24.17 15.09 3.93
CA SER A 758 -24.15 16.43 4.49
C SER A 758 -22.83 16.67 5.20
N MET A 759 -22.56 17.94 5.51
CA MET A 759 -21.37 18.30 6.25
C MET A 759 -21.63 17.93 7.70
#